data_4ASK
#
_entry.id   4ASK
#
_cell.length_a   61.359
_cell.length_b   65.554
_cell.length_c   77.392
_cell.angle_alpha   85.98
_cell.angle_beta   67.69
_cell.angle_gamma   68.42
#
_symmetry.space_group_name_H-M   'P 1'
#
loop_
_entity.id
_entity.type
_entity.pdbx_description
1 polymer 'LYSINE-SPECIFIC DEMETHYLASE 6B'
2 non-polymer 'ZINC ION'
3 non-polymer '3-[[2-pyridin-2-yl-6-(1,2,4,5-tetrahydro-3-benzazepin-3-yl)pyrimidin-4-yl]amino]propanoic acid'
4 non-polymer 'COBALT (II) ION'
5 water water
#
_entity_poly.entity_id   1
_entity_poly.type   'polypeptide(L)'
_entity_poly.pdbx_seq_one_letter_code
;MDVVRASRNAKVKGKFRESYLSPAQSVKPKINTEEKLPREKLNPPTPSIYLESKRDAFSPVLLQFCTDPRNPITVIRGLA
GSLRLNLGLFSTKTLVEASGEHTVEVRTQVQQPSDENWDLTGTRQIWPCESSRSHTTIAKYAQYQASSFQESLQEEKESE
DEESEEPDSTTGTPPSSAPDPKNHHIIKFGTNIDLSDAKRWKPQLQELLKLPAFMRVTSTGNMLSHVGHTILGMNTVQLY
MKVPGSRTPGHQENNNFCSVNINIGPGDCEWFAVHEHYWETISAFCDRHGVDYLTGSWWPILDDLYASNIPVYRFVQRPG
DLVWINAGTVHWVQATGWCNNIAWNVGPLTAYQYQLALERYEWNEVKNVKSIVPMIHVSWNVARTVKISDPDLFKMIKFC
LLQSMKHCQVQRESLVRAGKKIAYQGRVKDEPAYYCNECDVEVFNILFVTSENGSRNTYLVHCEGCARRRSAGLQGVVVL
EQYRTEELAQAYDAFTLAPASTSRHHHHHH
;
_entity_poly.pdbx_strand_id   A,B
#
loop_
_chem_comp.id
_chem_comp.type
_chem_comp.name
_chem_comp.formula
CO non-polymer 'COBALT (II) ION' 'Co 2'
K0I non-polymer '3-[[2-pyridin-2-yl-6-(1,2,4,5-tetrahydro-3-benzazepin-3-yl)pyrimidin-4-yl]amino]propanoic acid' 'C22 H23 N5 O2'
ZN non-polymer 'ZINC ION' 'Zn 2'
#
# COMPACT_ATOMS: atom_id res chain seq x y z
N PRO A 38 29.95 -6.07 3.41
CA PRO A 38 30.78 -6.27 4.59
C PRO A 38 30.39 -7.49 5.40
N ARG A 39 31.29 -7.96 6.27
CA ARG A 39 31.01 -9.08 7.16
C ARG A 39 29.90 -8.75 8.16
N GLU A 40 29.77 -7.47 8.50
CA GLU A 40 28.73 -7.01 9.42
C GLU A 40 27.35 -7.08 8.77
N LYS A 41 27.23 -6.57 7.55
CA LYS A 41 25.95 -6.52 6.83
C LYS A 41 25.46 -7.90 6.39
N LEU A 42 26.39 -8.82 6.13
CA LEU A 42 26.03 -10.19 5.70
C LEU A 42 25.71 -11.13 6.85
N ASN A 43 26.02 -10.72 8.08
CA ASN A 43 25.71 -11.50 9.28
C ASN A 43 24.86 -10.69 10.25
N PRO A 44 23.64 -10.31 9.82
CA PRO A 44 22.80 -9.42 10.63
C PRO A 44 22.38 -10.02 11.96
N PRO A 45 22.23 -9.20 13.00
CA PRO A 45 21.79 -9.74 14.29
C PRO A 45 20.36 -10.23 14.22
N THR A 46 20.04 -11.26 15.00
CA THR A 46 18.71 -11.85 15.01
C THR A 46 17.72 -10.95 15.73
N PRO A 47 16.60 -10.59 15.09
CA PRO A 47 15.56 -9.87 15.83
C PRO A 47 15.07 -10.74 16.99
N SER A 48 15.19 -10.21 18.20
CA SER A 48 14.95 -10.98 19.41
C SER A 48 14.11 -10.18 20.40
N ILE A 49 13.25 -10.89 21.11
CA ILE A 49 12.40 -10.31 22.15
C ILE A 49 12.52 -11.20 23.38
N TYR A 50 12.65 -10.59 24.55
CA TYR A 50 12.57 -11.35 25.81
CA TYR A 50 12.63 -11.30 25.82
C TYR A 50 11.40 -10.87 26.63
N LEU A 51 10.44 -11.77 26.81
CA LEU A 51 9.25 -11.47 27.58
C LEU A 51 9.54 -11.73 29.06
N GLU A 52 9.41 -10.69 29.87
CA GLU A 52 9.65 -10.75 31.32
C GLU A 52 8.35 -11.03 32.09
N SER A 53 7.22 -11.00 31.39
CA SER A 53 5.92 -11.04 32.03
C SER A 53 4.82 -11.39 31.04
N LYS A 54 3.71 -11.91 31.54
CA LYS A 54 2.54 -12.21 30.73
C LYS A 54 2.03 -10.95 30.02
N ARG A 55 2.11 -9.81 30.71
CA ARG A 55 1.63 -8.54 30.15
C ARG A 55 2.40 -8.13 28.89
N ASP A 56 3.71 -8.26 28.92
CA ASP A 56 4.55 -7.91 27.77
C ASP A 56 4.26 -8.82 26.57
N ALA A 57 3.92 -10.07 26.85
CA ALA A 57 3.49 -11.02 25.82
C ALA A 57 2.26 -10.51 25.06
N PHE A 58 1.36 -9.82 25.74
CA PHE A 58 0.11 -9.34 25.13
C PHE A 58 0.17 -7.88 24.66
N SER A 59 1.35 -7.28 24.65
CA SER A 59 1.51 -5.90 24.21
C SER A 59 1.33 -5.77 22.68
N PRO A 60 0.64 -4.71 22.23
CA PRO A 60 0.56 -4.39 20.79
C PRO A 60 1.92 -4.23 20.12
N VAL A 61 2.94 -3.83 20.91
CA VAL A 61 4.31 -3.69 20.41
C VAL A 61 4.88 -5.00 19.87
N LEU A 62 4.46 -6.13 20.44
CA LEU A 62 4.93 -7.44 20.01
C LEU A 62 4.47 -7.78 18.59
N LEU A 63 3.19 -7.53 18.31
CA LEU A 63 2.65 -7.79 16.99
C LEU A 63 3.34 -6.94 15.92
N GLN A 64 3.58 -5.66 16.22
CA GLN A 64 4.21 -4.79 15.22
C GLN A 64 5.67 -5.18 14.98
N PHE A 65 6.37 -5.62 16.01
CA PHE A 65 7.76 -6.08 15.86
C PHE A 65 7.84 -7.35 15.01
N CYS A 66 7.00 -8.34 15.34
CA CYS A 66 7.01 -9.61 14.61
C CYS A 66 6.62 -9.45 13.14
N THR A 67 5.68 -8.55 12.84
CA THR A 67 5.20 -8.39 11.46
C THR A 67 5.94 -7.30 10.66
N ASP A 68 6.84 -6.57 11.31
CA ASP A 68 7.65 -5.53 10.65
C ASP A 68 8.38 -6.16 9.45
N PRO A 69 8.19 -5.61 8.23
CA PRO A 69 8.88 -6.20 7.08
C PRO A 69 10.39 -6.24 7.20
N ARG A 70 10.96 -5.36 8.02
CA ARG A 70 12.41 -5.34 8.26
C ARG A 70 12.88 -6.47 9.19
N ASN A 71 11.95 -7.16 9.83
CA ASN A 71 12.25 -8.32 10.66
C ASN A 71 11.74 -9.58 9.95
N PRO A 72 12.59 -10.23 9.14
CA PRO A 72 12.11 -11.41 8.41
C PRO A 72 11.83 -12.59 9.33
N ILE A 73 12.50 -12.62 10.47
CA ILE A 73 12.31 -13.68 11.43
C ILE A 73 12.54 -13.08 12.83
N THR A 74 11.76 -13.55 13.81
CA THR A 74 11.90 -13.10 15.20
C THR A 74 11.95 -14.31 16.12
N VAL A 75 12.86 -14.25 17.10
CA VAL A 75 12.92 -15.28 18.14
C VAL A 75 12.45 -14.65 19.46
N ILE A 76 11.43 -15.25 20.06
CA ILE A 76 10.88 -14.77 21.32
C ILE A 76 11.39 -15.69 22.43
N ARG A 77 12.36 -15.17 23.19
CA ARG A 77 12.99 -15.90 24.29
C ARG A 77 12.06 -15.85 25.49
N GLY A 78 11.96 -16.98 26.19
CA GLY A 78 11.17 -17.05 27.40
C GLY A 78 9.68 -16.92 27.18
N LEU A 79 9.19 -17.35 26.03
CA LEU A 79 7.77 -17.24 25.74
C LEU A 79 6.96 -18.25 26.56
N ALA A 80 7.38 -19.51 26.53
CA ALA A 80 6.68 -20.56 27.26
C ALA A 80 6.64 -20.25 28.76
N GLY A 81 7.78 -19.85 29.32
CA GLY A 81 7.85 -19.46 30.73
C GLY A 81 6.95 -18.29 31.08
N SER A 82 6.99 -17.24 30.25
CA SER A 82 6.21 -16.02 30.51
C SER A 82 4.71 -16.25 30.48
N LEU A 83 4.26 -17.18 29.64
CA LEU A 83 2.84 -17.52 29.51
C LEU A 83 2.46 -18.76 30.30
N ARG A 84 3.41 -19.34 31.03
CA ARG A 84 3.20 -20.58 31.78
CA ARG A 84 3.20 -20.58 31.78
C ARG A 84 2.64 -21.68 30.87
N LEU A 85 3.19 -21.78 29.66
CA LEU A 85 2.78 -22.84 28.73
C LEU A 85 3.31 -24.17 29.22
N ASN A 86 2.44 -25.18 29.28
CA ASN A 86 2.85 -26.51 29.66
C ASN A 86 3.37 -27.27 28.43
N LEU A 87 4.65 -27.07 28.11
CA LEU A 87 5.22 -27.74 26.94
C LEU A 87 5.46 -29.23 27.16
N GLY A 88 5.39 -29.66 28.43
CA GLY A 88 5.36 -31.09 28.78
C GLY A 88 4.24 -31.87 28.10
N LEU A 89 3.14 -31.18 27.76
CA LEU A 89 2.07 -31.80 26.99
C LEU A 89 2.52 -32.23 25.58
N PHE A 90 3.66 -31.70 25.11
CA PHE A 90 4.20 -32.02 23.79
C PHE A 90 5.50 -32.82 23.89
N SER A 91 5.81 -33.30 25.09
CA SER A 91 6.95 -34.19 25.30
C SER A 91 6.68 -35.53 24.62
N THR A 92 7.75 -36.18 24.20
CA THR A 92 7.65 -37.48 23.54
C THR A 92 6.88 -38.48 24.40
N LYS A 93 7.16 -38.51 25.69
CA LYS A 93 6.46 -39.40 26.62
C LYS A 93 4.95 -39.16 26.58
N THR A 94 4.53 -37.90 26.62
CA THR A 94 3.11 -37.55 26.64
C THR A 94 2.44 -37.90 25.31
N LEU A 95 3.13 -37.60 24.21
CA LEU A 95 2.64 -37.89 22.88
C LEU A 95 2.41 -39.39 22.66
N VAL A 96 3.36 -40.20 23.11
CA VAL A 96 3.25 -41.67 23.01
C VAL A 96 2.02 -42.16 23.76
N GLU A 97 1.80 -41.64 24.96
CA GLU A 97 0.63 -42.01 25.76
C GLU A 97 -0.67 -41.55 25.09
N ALA A 98 -0.62 -40.41 24.40
CA ALA A 98 -1.83 -39.82 23.81
C ALA A 98 -2.28 -40.52 22.52
N SER A 99 -1.33 -40.88 21.67
CA SER A 99 -1.64 -41.58 20.41
C SER A 99 -0.38 -42.27 19.88
N GLY A 100 0.01 -43.33 20.55
CA GLY A 100 1.25 -44.05 20.22
C GLY A 100 1.33 -44.58 18.81
N GLU A 101 0.18 -44.97 18.25
N GLU A 101 0.19 -44.97 18.24
CA GLU A 101 0.08 -45.52 16.90
CA GLU A 101 0.13 -45.52 16.90
C GLU A 101 -0.09 -44.46 15.82
C GLU A 101 -0.10 -44.46 15.82
N HIS A 102 0.01 -43.19 16.19
CA HIS A 102 -0.18 -42.11 15.23
C HIS A 102 0.90 -42.13 14.17
N THR A 103 0.53 -41.81 12.93
CA THR A 103 1.46 -41.89 11.80
C THR A 103 2.53 -40.81 11.85
N VAL A 104 3.79 -41.21 11.65
CA VAL A 104 4.92 -40.31 11.51
C VAL A 104 5.51 -40.51 10.12
N GLU A 105 5.70 -39.41 9.39
CA GLU A 105 6.37 -39.46 8.09
C GLU A 105 7.87 -39.31 8.31
N VAL A 106 8.58 -40.40 8.16
CA VAL A 106 10.02 -40.44 8.43
C VAL A 106 10.82 -40.01 7.21
N ARG A 107 11.77 -39.12 7.43
CA ARG A 107 12.74 -38.73 6.42
C ARG A 107 14.11 -39.25 6.85
N THR A 108 14.69 -40.14 6.04
CA THR A 108 16.02 -40.67 6.31
C THR A 108 17.06 -39.77 5.66
N GLN A 109 18.07 -39.40 6.45
CA GLN A 109 19.06 -38.40 6.05
C GLN A 109 20.45 -38.78 6.54
N VAL A 110 21.46 -38.36 5.79
CA VAL A 110 22.85 -38.47 6.24
C VAL A 110 23.11 -37.32 7.21
N GLN A 111 23.61 -37.63 8.39
CA GLN A 111 23.91 -36.61 9.39
C GLN A 111 25.11 -35.79 8.93
N GLN A 112 24.93 -34.47 8.84
CA GLN A 112 26.07 -33.60 8.52
C GLN A 112 25.96 -32.27 9.25
N PRO A 113 27.11 -31.58 9.44
CA PRO A 113 27.09 -30.26 10.09
C PRO A 113 26.13 -29.29 9.39
N SER A 114 25.65 -28.30 10.12
CA SER A 114 24.57 -27.43 9.64
C SER A 114 25.01 -26.51 8.48
N ASP A 115 26.32 -26.26 8.37
CA ASP A 115 26.87 -25.44 7.30
C ASP A 115 27.46 -26.28 6.17
N GLU A 116 27.09 -27.56 6.11
CA GLU A 116 27.61 -28.46 5.09
C GLU A 116 26.51 -29.28 4.42
N ASN A 117 26.69 -29.55 3.13
CA ASN A 117 25.86 -30.48 2.37
C ASN A 117 26.70 -31.03 1.23
N TRP A 118 27.14 -32.28 1.36
CA TRP A 118 28.20 -32.83 0.51
C TRP A 118 27.67 -33.64 -0.63
N ASP A 119 28.45 -33.70 -1.71
CA ASP A 119 28.15 -34.58 -2.82
C ASP A 119 28.49 -36.01 -2.41
N LEU A 120 28.13 -36.98 -3.26
CA LEU A 120 28.36 -38.40 -2.95
C LEU A 120 29.84 -38.76 -2.75
N THR A 121 30.75 -38.01 -3.37
CA THR A 121 32.19 -38.26 -3.21
C THR A 121 32.76 -37.62 -1.93
N GLY A 122 32.00 -36.71 -1.31
CA GLY A 122 32.46 -36.02 -0.12
C GLY A 122 33.59 -35.04 -0.38
N THR A 123 33.56 -34.37 -1.53
CA THR A 123 34.62 -33.44 -1.92
C THR A 123 34.16 -32.02 -2.26
N ARG A 124 32.86 -31.82 -2.42
CA ARG A 124 32.34 -30.47 -2.67
C ARG A 124 30.94 -30.30 -2.09
N GLN A 125 30.56 -29.05 -1.89
CA GLN A 125 29.23 -28.72 -1.41
C GLN A 125 28.25 -28.74 -2.57
N ILE A 126 27.03 -29.20 -2.32
CA ILE A 126 25.96 -29.18 -3.32
C ILE A 126 24.69 -28.59 -2.72
N TRP A 127 23.76 -28.16 -3.59
CA TRP A 127 22.45 -27.64 -3.16
C TRP A 127 21.40 -28.70 -2.90
N PRO A 128 21.23 -29.69 -3.80
CA PRO A 128 20.18 -30.69 -3.53
C PRO A 128 20.44 -31.45 -2.24
N CYS A 129 19.39 -31.68 -1.46
CA CYS A 129 19.47 -32.37 -0.17
CA CYS A 129 19.53 -32.44 -0.22
C CYS A 129 18.42 -33.48 -0.13
N GLU A 130 18.69 -34.61 -0.75
CA GLU A 130 17.71 -35.67 -0.89
C GLU A 130 17.54 -36.54 0.35
N SER A 131 16.30 -36.97 0.56
CA SER A 131 15.95 -37.87 1.65
C SER A 131 15.10 -39.00 1.09
N SER A 132 15.02 -40.08 1.85
CA SER A 132 14.06 -41.13 1.57
C SER A 132 12.87 -40.95 2.50
N ARG A 133 11.69 -41.27 1.99
CA ARG A 133 10.44 -41.08 2.69
C ARG A 133 9.88 -42.45 3.09
N SER A 134 9.61 -42.63 4.38
CA SER A 134 8.97 -43.85 4.89
C SER A 134 7.97 -43.50 6.00
N HIS A 135 7.32 -44.50 6.58
CA HIS A 135 6.34 -44.25 7.63
C HIS A 135 6.50 -45.13 8.81
N THR A 136 6.24 -44.56 9.99
CA THR A 136 6.27 -45.30 11.24
C THR A 136 5.24 -44.70 12.20
N THR A 137 5.34 -45.04 13.48
CA THR A 137 4.41 -44.54 14.49
C THR A 137 5.14 -43.64 15.49
N ILE A 138 4.39 -42.83 16.22
CA ILE A 138 4.97 -42.00 17.30
C ILE A 138 5.70 -42.88 18.32
N ALA A 139 5.09 -44.01 18.70
CA ALA A 139 5.67 -44.93 19.68
C ALA A 139 7.03 -45.47 19.21
N LYS A 140 7.13 -45.82 17.93
CA LYS A 140 8.38 -46.39 17.40
C LYS A 140 9.42 -45.30 17.20
N TYR A 141 9.03 -44.14 16.69
CA TYR A 141 9.98 -43.04 16.56
C TYR A 141 10.49 -42.61 17.93
N ALA A 142 9.59 -42.53 18.91
CA ALA A 142 9.97 -42.24 20.31
C ALA A 142 11.06 -43.18 20.83
N GLN A 143 10.93 -44.47 20.59
CA GLN A 143 11.92 -45.43 21.07
C GLN A 143 13.27 -45.17 20.44
N TYR A 144 13.28 -44.83 19.15
CA TYR A 144 14.51 -44.48 18.43
C TYR A 144 15.13 -43.19 18.98
N GLN A 145 14.28 -42.19 19.22
CA GLN A 145 14.71 -40.91 19.77
C GLN A 145 15.32 -41.09 21.16
N ALA A 146 14.62 -41.84 22.01
CA ALA A 146 15.05 -42.07 23.38
C ALA A 146 16.32 -42.90 23.44
N SER A 147 16.39 -43.96 22.64
CA SER A 147 17.55 -44.85 22.62
C SER A 147 18.82 -44.16 22.11
N SER A 148 18.69 -43.34 21.06
CA SER A 148 19.84 -42.58 20.57
C SER A 148 20.32 -41.57 21.61
N PHE A 149 19.39 -40.94 22.32
CA PHE A 149 19.72 -39.98 23.38
C PHE A 149 20.49 -40.64 24.52
N GLN A 150 20.07 -41.83 24.93
CA GLN A 150 20.76 -42.58 25.99
C GLN A 150 22.14 -43.07 25.55
N GLU A 151 22.20 -43.64 24.34
CA GLU A 151 23.46 -44.14 23.77
C GLU A 151 24.54 -43.06 23.67
N SER A 152 24.14 -41.81 23.44
CA SER A 152 25.09 -40.70 23.41
C SER A 152 25.73 -40.49 24.79
N LEU A 153 24.95 -40.73 25.85
CA LEU A 153 25.46 -40.65 27.22
C LEU A 153 26.20 -41.92 27.63
N HIS A 184 24.45 -41.75 14.51
CA HIS A 184 25.20 -42.42 13.46
C HIS A 184 25.29 -41.56 12.24
N HIS A 185 26.00 -42.02 11.21
CA HIS A 185 26.06 -41.34 9.91
CA HIS A 185 26.05 -41.29 9.95
C HIS A 185 24.67 -41.12 9.35
N ILE A 186 23.83 -42.15 9.41
CA ILE A 186 22.44 -42.05 8.94
C ILE A 186 21.49 -41.80 10.11
N ILE A 187 20.57 -40.84 9.93
CA ILE A 187 19.57 -40.52 10.96
C ILE A 187 18.17 -40.47 10.38
N LYS A 188 17.17 -40.52 11.25
CA LYS A 188 15.76 -40.46 10.88
C LYS A 188 15.09 -39.26 11.54
N PHE A 189 14.37 -38.48 10.73
CA PHE A 189 13.67 -37.27 11.15
C PHE A 189 12.16 -37.56 11.08
N GLY A 190 11.49 -37.45 12.22
CA GLY A 190 10.04 -37.70 12.30
C GLY A 190 9.26 -36.46 11.93
N THR A 191 8.67 -36.43 10.74
CA THR A 191 8.03 -35.22 10.23
C THR A 191 6.51 -35.31 10.10
N ASN A 192 5.92 -34.13 9.96
CA ASN A 192 4.55 -33.96 9.49
C ASN A 192 3.54 -34.73 10.30
N ILE A 193 3.70 -34.70 11.62
CA ILE A 193 2.79 -35.42 12.51
C ILE A 193 1.56 -34.53 12.72
N ASP A 194 0.39 -35.10 12.43
CA ASP A 194 -0.87 -34.36 12.31
C ASP A 194 -1.59 -34.24 13.65
N LEU A 195 -1.59 -33.06 14.25
CA LEU A 195 -2.32 -32.82 15.51
C LEU A 195 -3.66 -32.10 15.31
N SER A 196 -4.34 -32.38 14.20
CA SER A 196 -5.60 -31.71 13.88
C SER A 196 -6.82 -32.24 14.65
N ASP A 197 -6.77 -33.50 15.11
CA ASP A 197 -7.90 -34.14 15.79
C ASP A 197 -8.13 -33.50 17.16
N ALA A 198 -9.18 -32.69 17.27
CA ALA A 198 -9.47 -31.88 18.45
C ALA A 198 -9.74 -32.70 19.71
N LYS A 199 -10.30 -33.89 19.55
CA LYS A 199 -10.55 -34.77 20.71
C LYS A 199 -9.28 -35.48 21.17
N ARG A 200 -8.53 -36.02 20.21
CA ARG A 200 -7.28 -36.74 20.48
C ARG A 200 -6.20 -35.87 21.12
N TRP A 201 -6.17 -34.60 20.75
CA TRP A 201 -5.12 -33.67 21.17
C TRP A 201 -5.66 -32.51 21.98
N LYS A 202 -6.75 -32.75 22.70
CA LYS A 202 -7.48 -31.69 23.39
C LYS A 202 -6.59 -30.88 24.35
N PRO A 203 -5.93 -31.54 25.31
CA PRO A 203 -5.08 -30.74 26.23
C PRO A 203 -3.96 -29.99 25.51
N GLN A 204 -3.41 -30.59 24.47
CA GLN A 204 -2.31 -29.95 23.72
C GLN A 204 -2.82 -28.67 23.05
N LEU A 205 -3.92 -28.80 22.31
CA LEU A 205 -4.46 -27.67 21.56
C LEU A 205 -5.02 -26.58 22.47
N GLN A 206 -5.62 -26.99 23.59
CA GLN A 206 -6.13 -26.02 24.57
C GLN A 206 -5.00 -25.20 25.16
N GLU A 207 -3.83 -25.80 25.32
CA GLU A 207 -2.67 -25.11 25.88
C GLU A 207 -2.23 -23.94 24.99
N LEU A 208 -2.42 -24.07 23.68
CA LEU A 208 -2.01 -23.05 22.72
C LEU A 208 -2.96 -21.85 22.67
N LEU A 209 -4.09 -21.95 23.36
CA LEU A 209 -5.00 -20.82 23.57
C LEU A 209 -4.41 -19.75 24.50
N LYS A 210 -3.31 -20.08 25.19
CA LYS A 210 -2.63 -19.12 26.07
C LYS A 210 -1.80 -18.08 25.33
N LEU A 211 -1.53 -18.31 24.04
CA LEU A 211 -0.72 -17.39 23.25
C LEU A 211 -1.50 -16.09 22.96
N PRO A 212 -0.78 -14.96 22.73
CA PRO A 212 -1.50 -13.77 22.26
C PRO A 212 -2.29 -14.08 20.99
N ALA A 213 -3.37 -13.33 20.77
CA ALA A 213 -4.34 -13.67 19.73
C ALA A 213 -3.71 -13.84 18.35
N PHE A 214 -2.81 -12.92 17.97
CA PHE A 214 -2.24 -12.97 16.63
C PHE A 214 -1.41 -14.23 16.36
N MET A 215 -0.96 -14.91 17.41
CA MET A 215 -0.15 -16.13 17.25
C MET A 215 -0.97 -17.42 17.30
N ARG A 216 -2.24 -17.33 17.69
CA ARG A 216 -3.06 -18.52 17.90
C ARG A 216 -3.38 -19.26 16.60
N VAL A 217 -3.69 -20.54 16.73
CA VAL A 217 -4.12 -21.34 15.58
C VAL A 217 -5.34 -20.71 14.91
N THR A 218 -6.26 -20.18 15.73
CA THR A 218 -7.49 -19.57 15.24
C THR A 218 -7.68 -18.18 15.85
N SER A 219 -7.90 -17.18 15.01
CA SER A 219 -8.21 -15.82 15.47
C SER A 219 -8.81 -14.97 14.35
N THR A 220 -9.53 -13.92 14.74
CA THR A 220 -10.26 -13.08 13.77
C THR A 220 -9.33 -12.38 12.78
N GLY A 221 -8.13 -12.00 13.25
CA GLY A 221 -7.13 -11.39 12.38
C GLY A 221 -6.28 -12.34 11.55
N ASN A 222 -6.57 -13.63 11.60
CA ASN A 222 -5.85 -14.65 10.82
C ASN A 222 -6.68 -15.05 9.60
N MET A 223 -6.17 -14.78 8.40
CA MET A 223 -6.86 -15.18 7.15
C MET A 223 -7.23 -16.66 7.10
N LEU A 224 -6.37 -17.52 7.66
CA LEU A 224 -6.63 -18.96 7.67
C LEU A 224 -7.84 -19.34 8.53
N SER A 225 -8.26 -18.44 9.43
CA SER A 225 -9.49 -18.61 10.21
C SER A 225 -10.75 -18.18 9.44
N HIS A 226 -10.57 -17.68 8.21
CA HIS A 226 -11.69 -17.32 7.34
C HIS A 226 -11.77 -18.21 6.12
N VAL A 227 -11.04 -19.33 6.16
CA VAL A 227 -11.13 -20.33 5.09
C VAL A 227 -12.49 -21.06 5.12
N GLY A 228 -12.92 -21.43 6.32
CA GLY A 228 -14.20 -22.13 6.50
C GLY A 228 -14.08 -23.65 6.58
N HIS A 229 -12.84 -24.14 6.47
CA HIS A 229 -12.53 -25.56 6.53
C HIS A 229 -11.06 -25.76 6.81
N THR A 230 -10.69 -27.00 7.06
CA THR A 230 -9.32 -27.33 7.46
C THR A 230 -8.36 -27.29 6.27
N ILE A 231 -7.25 -26.58 6.46
CA ILE A 231 -6.10 -26.66 5.55
CA ILE A 231 -6.10 -26.65 5.55
C ILE A 231 -4.95 -27.29 6.33
N LEU A 232 -4.71 -28.57 6.05
CA LEU A 232 -3.83 -29.39 6.87
C LEU A 232 -2.43 -28.79 6.98
N GLY A 233 -1.96 -28.61 8.22
CA GLY A 233 -0.64 -28.05 8.48
C GLY A 233 -0.59 -26.54 8.50
N MET A 234 -1.65 -25.87 8.07
CA MET A 234 -1.68 -24.41 8.12
C MET A 234 -2.57 -23.90 9.24
N ASN A 235 -3.87 -24.21 9.19
CA ASN A 235 -4.74 -23.92 10.34
C ASN A 235 -4.95 -25.12 11.25
N THR A 236 -4.08 -26.12 11.13
CA THR A 236 -3.94 -27.21 12.10
C THR A 236 -2.46 -27.36 12.45
N VAL A 237 -2.19 -27.85 13.65
CA VAL A 237 -0.82 -27.97 14.15
C VAL A 237 -0.10 -29.21 13.63
N GLN A 238 1.16 -29.02 13.26
CA GLN A 238 2.04 -30.12 12.88
C GLN A 238 3.14 -30.27 13.91
N LEU A 239 3.50 -31.51 14.18
CA LEU A 239 4.56 -31.84 15.14
C LEU A 239 5.74 -32.49 14.40
N TYR A 240 6.95 -32.15 14.84
CA TYR A 240 8.19 -32.70 14.30
C TYR A 240 9.00 -33.28 15.46
N MET A 241 9.41 -34.55 15.33
CA MET A 241 10.21 -35.21 16.35
C MET A 241 11.60 -35.43 15.76
N LYS A 242 12.64 -34.99 16.47
CA LYS A 242 13.97 -34.83 15.89
C LYS A 242 15.07 -35.48 16.71
N VAL A 243 16.12 -35.90 16.02
CA VAL A 243 17.41 -36.27 16.63
C VAL A 243 18.46 -35.35 16.02
N PRO A 244 19.65 -35.25 16.65
CA PRO A 244 20.66 -34.33 16.12
C PRO A 244 20.95 -34.55 14.62
N GLY A 245 20.97 -33.45 13.87
CA GLY A 245 21.18 -33.52 12.43
C GLY A 245 19.90 -33.49 11.61
N SER A 246 18.75 -33.75 12.24
CA SER A 246 17.46 -33.70 11.54
C SER A 246 17.31 -32.35 10.85
N ARG A 247 17.14 -32.40 9.53
CA ARG A 247 17.31 -31.25 8.66
C ARG A 247 16.01 -30.91 7.94
N THR A 248 15.61 -29.63 8.05
CA THR A 248 14.47 -29.08 7.33
C THR A 248 14.99 -28.28 6.16
N PRO A 249 14.79 -28.78 4.93
CA PRO A 249 15.33 -28.08 3.76
C PRO A 249 14.74 -26.68 3.54
N GLY A 250 15.43 -25.87 2.74
CA GLY A 250 15.07 -24.48 2.54
C GLY A 250 13.75 -24.32 1.82
N HIS A 251 12.97 -23.33 2.24
CA HIS A 251 11.69 -23.04 1.59
C HIS A 251 11.10 -21.77 2.07
N GLN A 252 10.09 -21.33 1.32
CA GLN A 252 9.10 -20.38 1.80
C GLN A 252 7.85 -21.15 2.14
N GLU A 253 7.03 -20.57 3.01
CA GLU A 253 5.78 -21.17 3.40
C GLU A 253 4.76 -21.09 2.27
N ASN A 254 3.75 -21.95 2.32
CA ASN A 254 2.63 -21.91 1.37
C ASN A 254 2.06 -20.50 1.27
N ASN A 255 2.05 -19.95 0.05
CA ASN A 255 1.51 -18.62 -0.25
C ASN A 255 2.11 -17.54 0.64
N ASN A 256 3.38 -17.72 1.01
CA ASN A 256 4.14 -16.76 1.82
C ASN A 256 3.49 -16.44 3.18
N PHE A 257 2.70 -17.37 3.71
CA PHE A 257 2.04 -17.17 5.00
C PHE A 257 3.06 -17.22 6.16
N CYS A 258 2.87 -16.40 7.19
CA CYS A 258 3.73 -16.45 8.37
C CYS A 258 3.61 -17.79 9.10
N SER A 259 4.63 -18.15 9.86
CA SER A 259 4.60 -19.40 10.63
C SER A 259 5.03 -19.14 12.06
N VAL A 260 4.40 -19.88 12.97
CA VAL A 260 4.73 -19.88 14.39
C VAL A 260 5.31 -21.26 14.68
N ASN A 261 6.49 -21.29 15.32
CA ASN A 261 7.19 -22.54 15.59
C ASN A 261 7.72 -22.50 17.01
N ILE A 262 7.37 -23.50 17.80
CA ILE A 262 7.83 -23.57 19.20
C ILE A 262 8.69 -24.82 19.39
N ASN A 263 9.89 -24.64 19.94
CA ASN A 263 10.75 -25.76 20.32
C ASN A 263 10.36 -26.28 21.71
N ILE A 264 9.91 -27.52 21.76
CA ILE A 264 9.52 -28.19 23.00
C ILE A 264 10.77 -28.60 23.76
N GLY A 265 11.79 -28.95 22.98
CA GLY A 265 13.10 -29.38 23.45
C GLY A 265 13.09 -30.81 23.95
N PRO A 266 14.28 -31.30 24.32
CA PRO A 266 15.01 -30.84 25.47
C PRO A 266 16.23 -30.11 24.89
N GLY A 267 16.50 -30.32 23.60
CA GLY A 267 17.65 -29.76 22.89
C GLY A 267 17.32 -28.59 21.96
N ASP A 268 18.34 -28.08 21.28
CA ASP A 268 18.26 -26.86 20.51
C ASP A 268 18.03 -27.12 19.03
N CYS A 269 17.52 -26.11 18.33
CA CYS A 269 17.46 -26.07 16.88
C CYS A 269 18.27 -24.88 16.40
N GLU A 270 18.98 -25.07 15.30
CA GLU A 270 19.68 -24.00 14.63
C GLU A 270 18.88 -23.59 13.39
N TRP A 271 18.71 -22.27 13.25
CA TRP A 271 17.89 -21.68 12.20
C TRP A 271 18.70 -20.81 11.28
N PHE A 272 18.35 -20.83 10.00
CA PHE A 272 18.94 -19.93 9.00
C PHE A 272 17.80 -19.25 8.26
N ALA A 273 17.96 -17.99 7.88
CA ALA A 273 16.90 -17.29 7.18
C ALA A 273 17.42 -16.15 6.31
N VAL A 274 16.66 -15.89 5.24
CA VAL A 274 16.94 -14.83 4.29
C VAL A 274 15.63 -14.06 4.01
N HIS A 275 15.72 -12.73 3.95
CA HIS A 275 14.57 -11.90 3.63
C HIS A 275 13.89 -12.33 2.35
N GLU A 276 12.56 -12.27 2.33
CA GLU A 276 11.75 -12.53 1.13
C GLU A 276 12.27 -11.83 -0.13
N HIS A 277 12.79 -10.62 0.02
CA HIS A 277 13.31 -9.80 -1.07
C HIS A 277 14.28 -10.54 -1.99
N TYR A 278 15.02 -11.49 -1.42
CA TYR A 278 16.07 -12.22 -2.16
C TYR A 278 15.63 -13.54 -2.78
N TRP A 279 14.34 -13.87 -2.70
CA TRP A 279 13.89 -15.22 -3.08
C TRP A 279 14.17 -15.60 -4.52
N GLU A 280 14.08 -14.65 -5.44
CA GLU A 280 14.32 -14.96 -6.85
C GLU A 280 15.78 -15.37 -7.10
N THR A 281 16.70 -14.78 -6.35
CA THR A 281 18.11 -15.17 -6.43
C THR A 281 18.30 -16.60 -5.93
N ILE A 282 17.61 -16.95 -4.84
CA ILE A 282 17.74 -18.28 -4.28
C ILE A 282 17.12 -19.27 -5.27
N SER A 283 16.01 -18.87 -5.90
CA SER A 283 15.40 -19.69 -6.94
C SER A 283 16.34 -19.91 -8.13
N ALA A 284 17.10 -18.87 -8.50
CA ALA A 284 18.07 -18.98 -9.60
C ALA A 284 19.20 -19.96 -9.26
N PHE A 285 19.68 -19.91 -8.02
CA PHE A 285 20.66 -20.91 -7.54
C PHE A 285 20.11 -22.33 -7.66
N CYS A 286 18.86 -22.53 -7.27
CA CYS A 286 18.24 -23.85 -7.33
C CYS A 286 18.20 -24.36 -8.78
N ASP A 287 17.80 -23.49 -9.71
CA ASP A 287 17.77 -23.85 -11.13
CA ASP A 287 17.79 -23.79 -11.16
C ASP A 287 19.17 -24.24 -11.62
N ARG A 288 20.16 -23.42 -11.30
CA ARG A 288 21.56 -23.67 -11.64
C ARG A 288 22.08 -24.99 -11.08
N HIS A 289 21.58 -25.39 -9.92
CA HIS A 289 22.05 -26.59 -9.26
C HIS A 289 21.11 -27.77 -9.41
N GLY A 290 20.17 -27.68 -10.34
CA GLY A 290 19.37 -28.83 -10.78
C GLY A 290 18.23 -29.27 -9.87
N VAL A 291 17.70 -28.36 -9.06
CA VAL A 291 16.62 -28.68 -8.12
C VAL A 291 15.47 -27.67 -8.24
N ASP A 292 14.23 -28.16 -8.10
CA ASP A 292 13.03 -27.31 -8.21
C ASP A 292 12.94 -26.43 -6.96
N TYR A 293 12.92 -25.11 -7.14
CA TYR A 293 12.89 -24.18 -6.00
C TYR A 293 11.61 -24.30 -5.17
N LEU A 294 10.46 -24.31 -5.84
CA LEU A 294 9.17 -24.33 -5.16
C LEU A 294 8.83 -25.66 -4.48
N THR A 295 9.20 -26.78 -5.11
CA THR A 295 8.79 -28.10 -4.63
C THR A 295 9.92 -29.06 -4.28
N GLY A 296 11.16 -28.72 -4.66
CA GLY A 296 12.30 -29.60 -4.44
C GLY A 296 12.91 -29.45 -3.05
N SER A 297 13.89 -30.29 -2.74
CA SER A 297 14.58 -30.29 -1.45
C SER A 297 16.01 -29.81 -1.61
N TRP A 298 16.34 -28.69 -0.98
CA TRP A 298 17.66 -28.06 -1.15
C TRP A 298 18.15 -27.38 0.11
N TRP A 299 19.46 -27.14 0.15
CA TRP A 299 20.15 -26.62 1.32
C TRP A 299 21.15 -25.61 0.81
N PRO A 300 20.92 -24.32 1.11
CA PRO A 300 21.82 -23.34 0.51
C PRO A 300 23.28 -23.53 0.88
N ILE A 301 24.16 -23.26 -0.08
CA ILE A 301 25.58 -23.19 0.19
C ILE A 301 25.83 -21.79 0.70
N LEU A 302 26.19 -21.65 1.98
CA LEU A 302 26.32 -20.32 2.57
C LEU A 302 27.27 -19.40 1.80
N ASP A 303 28.40 -19.95 1.34
CA ASP A 303 29.36 -19.16 0.56
C ASP A 303 28.78 -18.59 -0.74
N ASP A 304 27.87 -19.33 -1.37
CA ASP A 304 27.17 -18.84 -2.55
C ASP A 304 26.33 -17.60 -2.21
N LEU A 305 25.60 -17.68 -1.08
CA LEU A 305 24.77 -16.59 -0.61
C LEU A 305 25.61 -15.35 -0.28
N TYR A 306 26.71 -15.55 0.44
CA TYR A 306 27.60 -14.44 0.80
C TYR A 306 28.26 -13.82 -0.42
N ALA A 307 28.65 -14.65 -1.39
CA ALA A 307 29.24 -14.17 -2.64
C ALA A 307 28.24 -13.35 -3.48
N SER A 308 26.94 -13.61 -3.30
CA SER A 308 25.89 -12.82 -3.95
C SER A 308 25.38 -11.66 -3.08
N ASN A 309 26.11 -11.33 -2.02
CA ASN A 309 25.75 -10.24 -1.10
C ASN A 309 24.37 -10.39 -0.45
N ILE A 310 24.01 -11.62 -0.10
CA ILE A 310 22.74 -11.91 0.56
C ILE A 310 22.97 -12.09 2.06
N PRO A 311 22.38 -11.21 2.90
CA PRO A 311 22.51 -11.41 4.35
C PRO A 311 21.81 -12.68 4.83
N VAL A 312 22.46 -13.41 5.70
CA VAL A 312 21.90 -14.65 6.25
C VAL A 312 21.79 -14.52 7.76
N TYR A 313 20.56 -14.63 8.24
CA TYR A 313 20.27 -14.67 9.67
C TYR A 313 20.58 -16.06 10.20
N ARG A 314 21.23 -16.13 11.36
CA ARG A 314 21.61 -17.39 11.97
C ARG A 314 21.41 -17.27 13.47
N PHE A 315 20.66 -18.20 14.05
CA PHE A 315 20.43 -18.20 15.48
C PHE A 315 20.05 -19.58 16.01
N VAL A 316 20.03 -19.70 17.33
CA VAL A 316 19.63 -20.91 18.00
C VAL A 316 18.26 -20.72 18.64
N GLN A 317 17.36 -21.68 18.43
CA GLN A 317 16.07 -21.72 19.09
C GLN A 317 16.15 -22.74 20.22
N ARG A 318 16.12 -22.26 21.46
CA ARG A 318 16.23 -23.11 22.65
C ARG A 318 14.85 -23.56 23.12
N PRO A 319 14.79 -24.54 24.04
CA PRO A 319 13.47 -25.03 24.44
C PRO A 319 12.59 -23.94 25.05
N GLY A 320 11.36 -23.86 24.57
CA GLY A 320 10.43 -22.83 25.03
C GLY A 320 10.48 -21.53 24.24
N ASP A 321 11.44 -21.42 23.32
CA ASP A 321 11.53 -20.27 22.42
C ASP A 321 10.59 -20.43 21.25
N LEU A 322 9.92 -19.33 20.90
CA LEU A 322 9.01 -19.28 19.77
C LEU A 322 9.67 -18.51 18.65
N VAL A 323 9.68 -19.11 17.47
CA VAL A 323 10.15 -18.45 16.27
C VAL A 323 8.96 -17.99 15.44
N TRP A 324 8.94 -16.70 15.10
CA TRP A 324 7.98 -16.17 14.17
C TRP A 324 8.65 -16.00 12.84
N ILE A 325 8.23 -16.78 11.84
CA ILE A 325 8.72 -16.67 10.48
C ILE A 325 7.82 -15.66 9.77
N ASN A 326 8.33 -14.47 9.47
CA ASN A 326 7.54 -13.43 8.83
C ASN A 326 7.21 -13.79 7.37
N ALA A 327 6.28 -13.04 6.78
CA ALA A 327 5.75 -13.33 5.44
C ALA A 327 6.84 -13.52 4.37
N GLY A 328 6.88 -14.70 3.78
CA GLY A 328 7.76 -15.01 2.67
C GLY A 328 9.23 -15.23 2.99
N THR A 329 9.59 -15.26 4.26
CA THR A 329 10.98 -15.46 4.65
C THR A 329 11.44 -16.87 4.20
N VAL A 330 12.59 -16.91 3.54
CA VAL A 330 13.24 -18.17 3.15
C VAL A 330 13.98 -18.68 4.37
N HIS A 331 13.75 -19.93 4.74
CA HIS A 331 14.33 -20.45 5.98
C HIS A 331 14.66 -21.91 5.86
N TRP A 332 15.64 -22.33 6.66
CA TRP A 332 16.01 -23.73 6.80
C TRP A 332 16.50 -23.97 8.22
N VAL A 333 16.39 -25.22 8.68
CA VAL A 333 16.53 -25.55 10.11
C VAL A 333 17.25 -26.89 10.29
N GLN A 334 18.06 -27.01 11.35
CA GLN A 334 18.65 -28.28 11.71
C GLN A 334 18.64 -28.45 13.22
N ALA A 335 18.16 -29.60 13.68
CA ALA A 335 18.24 -29.95 15.09
C ALA A 335 19.69 -30.13 15.50
N THR A 336 20.10 -29.43 16.56
CA THR A 336 21.44 -29.67 17.07
CA THR A 336 21.43 -29.59 17.15
C THR A 336 21.39 -30.70 18.20
N GLY A 337 20.28 -30.76 18.92
CA GLY A 337 20.06 -31.78 19.95
C GLY A 337 18.86 -32.65 19.62
N TRP A 338 18.37 -33.35 20.63
CA TRP A 338 17.11 -34.07 20.57
C TRP A 338 16.04 -33.12 20.96
N CYS A 339 15.00 -32.97 20.13
CA CYS A 339 13.91 -32.05 20.44
C CYS A 339 12.66 -32.37 19.63
N ASN A 340 11.54 -31.84 20.09
CA ASN A 340 10.32 -31.80 19.29
C ASN A 340 10.01 -30.34 18.94
N ASN A 341 9.40 -30.12 17.77
CA ASN A 341 8.90 -28.80 17.39
C ASN A 341 7.42 -28.88 17.02
N ILE A 342 6.67 -27.84 17.36
CA ILE A 342 5.29 -27.69 16.87
C ILE A 342 5.19 -26.42 16.03
N ALA A 343 4.36 -26.46 14.98
CA ALA A 343 4.22 -25.31 14.11
C ALA A 343 2.87 -25.24 13.40
N TRP A 344 2.49 -24.02 13.03
CA TRP A 344 1.31 -23.78 12.21
C TRP A 344 1.49 -22.45 11.57
N ASN A 345 0.61 -22.12 10.63
CA ASN A 345 0.68 -20.85 9.94
C ASN A 345 -0.31 -19.82 10.46
N VAL A 346 0.04 -18.55 10.23
CA VAL A 346 -0.85 -17.44 10.48
C VAL A 346 -0.74 -16.49 9.27
N GLY A 347 -1.89 -16.00 8.81
CA GLY A 347 -1.92 -14.94 7.80
C GLY A 347 -2.51 -13.66 8.34
N PRO A 348 -1.67 -12.77 8.90
CA PRO A 348 -2.20 -11.51 9.40
C PRO A 348 -2.93 -10.71 8.32
N LEU A 349 -4.00 -10.01 8.69
CA LEU A 349 -4.77 -9.23 7.74
C LEU A 349 -4.11 -7.87 7.57
N THR A 350 -3.02 -7.86 6.80
CA THR A 350 -2.26 -6.67 6.48
C THR A 350 -2.00 -6.64 4.98
N ALA A 351 -1.80 -5.46 4.42
CA ALA A 351 -1.48 -5.30 3.01
C ALA A 351 -0.19 -6.04 2.67
N TYR A 352 0.76 -6.02 3.59
CA TYR A 352 2.06 -6.66 3.37
C TYR A 352 1.89 -8.16 3.13
N GLN A 353 1.15 -8.83 4.01
CA GLN A 353 0.93 -10.27 3.92
C GLN A 353 0.03 -10.63 2.74
N TYR A 354 -1.05 -9.87 2.55
CA TYR A 354 -2.01 -10.16 1.50
C TYR A 354 -1.35 -10.04 0.11
N GLN A 355 -0.53 -9.02 -0.10
CA GLN A 355 0.18 -8.83 -1.36
CA GLN A 355 0.17 -8.83 -1.36
C GLN A 355 1.09 -10.02 -1.66
N LEU A 356 1.88 -10.43 -0.67
CA LEU A 356 2.81 -11.55 -0.84
C LEU A 356 2.06 -12.88 -1.07
N ALA A 357 0.89 -13.03 -0.44
CA ALA A 357 0.07 -14.21 -0.62
C ALA A 357 -0.46 -14.28 -2.05
N LEU A 358 -0.95 -13.16 -2.57
CA LEU A 358 -1.49 -13.13 -3.92
C LEU A 358 -0.42 -13.25 -4.98
N GLU A 359 0.76 -12.66 -4.75
CA GLU A 359 1.76 -12.79 -5.80
C GLU A 359 2.27 -14.22 -5.90
N ARG A 360 2.38 -14.93 -4.77
CA ARG A 360 2.79 -16.34 -4.81
C ARG A 360 1.65 -17.21 -5.37
N TYR A 361 0.41 -16.82 -5.10
CA TYR A 361 -0.74 -17.46 -5.72
C TYR A 361 -0.64 -17.41 -7.24
N GLU A 362 -0.33 -16.25 -7.78
CA GLU A 362 -0.18 -16.07 -9.24
C GLU A 362 1.04 -16.80 -9.77
N TRP A 363 2.16 -16.70 -9.06
CA TRP A 363 3.38 -17.40 -9.45
C TRP A 363 3.21 -18.89 -9.46
N ASN A 364 2.53 -19.45 -8.45
CA ASN A 364 2.22 -20.88 -8.42
C ASN A 364 1.49 -21.35 -9.66
N GLU A 365 0.51 -20.55 -10.10
CA GLU A 365 -0.27 -20.87 -11.28
C GLU A 365 0.61 -20.88 -12.53
N VAL A 366 1.52 -19.92 -12.63
CA VAL A 366 2.53 -19.90 -13.71
C VAL A 366 3.31 -21.21 -13.72
N LYS A 367 3.70 -21.68 -12.54
CA LYS A 367 4.56 -22.85 -12.40
C LYS A 367 3.80 -24.17 -12.18
N ASN A 368 2.47 -24.14 -12.32
CA ASN A 368 1.64 -25.33 -12.13
C ASN A 368 1.86 -26.00 -10.77
N VAL A 369 1.96 -25.18 -9.73
CA VAL A 369 2.09 -25.66 -8.37
C VAL A 369 0.81 -25.28 -7.62
N LYS A 370 0.25 -26.23 -6.88
CA LYS A 370 -0.96 -25.96 -6.09
C LYS A 370 -0.74 -24.90 -5.01
N SER A 371 -1.63 -23.91 -4.97
CA SER A 371 -1.71 -22.98 -3.85
C SER A 371 -2.54 -23.60 -2.76
N ILE A 372 -1.90 -23.96 -1.64
CA ILE A 372 -2.58 -24.66 -0.56
C ILE A 372 -3.60 -23.74 0.14
N VAL A 373 -3.41 -22.42 0.02
CA VAL A 373 -4.42 -21.48 0.49
C VAL A 373 -5.23 -21.03 -0.74
N PRO A 374 -6.54 -21.31 -0.74
CA PRO A 374 -7.36 -20.91 -1.88
C PRO A 374 -7.71 -19.44 -1.77
N MET A 375 -6.83 -18.59 -2.27
CA MET A 375 -6.90 -17.14 -2.02
C MET A 375 -8.18 -16.43 -2.50
N ILE A 376 -8.83 -16.92 -3.55
CA ILE A 376 -10.06 -16.29 -4.03
C ILE A 376 -11.19 -16.59 -3.05
N HIS A 377 -11.38 -17.87 -2.76
CA HIS A 377 -12.29 -18.31 -1.70
C HIS A 377 -12.10 -17.53 -0.42
N VAL A 378 -10.84 -17.39 -0.01
CA VAL A 378 -10.51 -16.72 1.26
C VAL A 378 -10.83 -15.23 1.21
N SER A 379 -10.53 -14.60 0.10
CA SER A 379 -10.78 -13.16 -0.03
C SER A 379 -12.27 -12.82 0.05
N TRP A 380 -13.11 -13.67 -0.53
CA TRP A 380 -14.57 -13.47 -0.44
C TRP A 380 -15.08 -13.63 0.96
N ASN A 381 -14.61 -14.67 1.67
CA ASN A 381 -15.00 -14.89 3.06
C ASN A 381 -14.58 -13.74 3.97
N VAL A 382 -13.35 -13.26 3.81
CA VAL A 382 -12.86 -12.10 4.54
C VAL A 382 -13.76 -10.89 4.28
N ALA A 383 -14.06 -10.64 3.01
CA ALA A 383 -14.89 -9.50 2.60
C ALA A 383 -16.29 -9.57 3.19
N ARG A 384 -16.81 -10.78 3.38
CA ARG A 384 -18.16 -10.97 3.91
C ARG A 384 -18.29 -10.66 5.40
N THR A 385 -17.20 -10.80 6.15
CA THR A 385 -17.28 -10.74 7.63
C THR A 385 -16.33 -9.76 8.33
N VAL A 386 -15.20 -9.42 7.72
CA VAL A 386 -14.18 -8.60 8.38
C VAL A 386 -14.25 -7.13 7.98
N LYS A 387 -14.16 -6.24 8.95
CA LYS A 387 -14.08 -4.80 8.67
C LYS A 387 -12.61 -4.40 8.49
N ILE A 388 -12.27 -3.94 7.29
CA ILE A 388 -10.91 -3.57 6.93
C ILE A 388 -10.80 -2.05 6.94
N SER A 389 -9.89 -1.52 7.76
CA SER A 389 -9.71 -0.08 7.90
C SER A 389 -8.48 0.45 7.17
N ASP A 390 -7.52 -0.44 6.84
CA ASP A 390 -6.34 -0.02 6.08
C ASP A 390 -6.68 0.13 4.61
N PRO A 391 -6.58 1.37 4.08
CA PRO A 391 -6.90 1.63 2.67
C PRO A 391 -6.09 0.79 1.68
N ASP A 392 -4.82 0.55 1.98
CA ASP A 392 -3.96 -0.24 1.11
C ASP A 392 -4.49 -1.68 1.00
N LEU A 393 -4.80 -2.30 2.13
CA LEU A 393 -5.33 -3.67 2.12
C LEU A 393 -6.73 -3.75 1.51
N PHE A 394 -7.57 -2.77 1.84
CA PHE A 394 -8.91 -2.71 1.27
C PHE A 394 -8.87 -2.70 -0.26
N LYS A 395 -8.05 -1.81 -0.81
CA LYS A 395 -7.89 -1.69 -2.27
C LYS A 395 -7.52 -3.02 -2.90
N MET A 396 -6.58 -3.72 -2.26
CA MET A 396 -6.10 -5.01 -2.79
C MET A 396 -7.19 -6.07 -2.82
N ILE A 397 -7.94 -6.17 -1.73
CA ILE A 397 -9.01 -7.16 -1.65
C ILE A 397 -10.12 -6.80 -2.65
N LYS A 398 -10.51 -5.52 -2.67
CA LYS A 398 -11.55 -5.03 -3.56
C LYS A 398 -11.22 -5.35 -5.02
N PHE A 399 -9.98 -5.09 -5.42
CA PHE A 399 -9.52 -5.44 -6.76
C PHE A 399 -9.62 -6.95 -7.04
N CYS A 400 -9.14 -7.77 -6.11
CA CYS A 400 -9.20 -9.23 -6.27
C CYS A 400 -10.64 -9.69 -6.47
N LEU A 401 -11.56 -9.15 -5.67
CA LEU A 401 -12.97 -9.52 -5.78
C LEU A 401 -13.58 -9.10 -7.12
N LEU A 402 -13.27 -7.88 -7.57
CA LEU A 402 -13.78 -7.40 -8.86
C LEU A 402 -13.28 -8.26 -10.02
N GLN A 403 -12.00 -8.62 -10.00
CA GLN A 403 -11.44 -9.50 -11.03
C GLN A 403 -12.16 -10.85 -11.02
N SER A 404 -12.46 -11.34 -9.83
CA SER A 404 -13.10 -12.63 -9.64
C SER A 404 -14.52 -12.63 -10.23
N MET A 405 -15.27 -11.57 -9.94
CA MET A 405 -16.61 -11.41 -10.50
C MET A 405 -16.56 -11.35 -12.02
N LYS A 406 -15.60 -10.61 -12.56
CA LYS A 406 -15.45 -10.48 -14.02
C LYS A 406 -15.10 -11.81 -14.68
N HIS A 407 -14.26 -12.60 -14.01
CA HIS A 407 -13.85 -13.90 -14.52
C HIS A 407 -15.01 -14.87 -14.55
N CYS A 408 -15.81 -14.89 -13.50
CA CYS A 408 -17.03 -15.70 -13.49
C CYS A 408 -17.99 -15.28 -14.61
N GLN A 409 -18.12 -13.98 -14.81
CA GLN A 409 -19.00 -13.44 -15.83
C GLN A 409 -18.60 -13.87 -17.24
N VAL A 410 -17.31 -13.80 -17.54
CA VAL A 410 -16.80 -14.24 -18.85
C VAL A 410 -17.14 -15.72 -19.09
N GLN A 411 -17.02 -16.53 -18.03
CA GLN A 411 -17.33 -17.96 -18.15
C GLN A 411 -18.81 -18.21 -18.40
N ARG A 412 -19.66 -17.51 -17.66
CA ARG A 412 -21.11 -17.65 -17.85
C ARG A 412 -21.53 -17.28 -19.26
N GLU A 413 -20.98 -16.19 -19.77
CA GLU A 413 -21.35 -15.69 -21.10
C GLU A 413 -20.97 -16.67 -22.20
N SER A 414 -19.77 -17.25 -22.12
CA SER A 414 -19.30 -18.20 -23.13
CA SER A 414 -19.29 -18.21 -23.11
C SER A 414 -20.08 -19.51 -23.07
N LEU A 415 -20.43 -19.94 -21.86
CA LEU A 415 -21.27 -21.13 -21.67
C LEU A 415 -22.64 -20.92 -22.31
N VAL A 416 -23.24 -19.77 -22.02
CA VAL A 416 -24.55 -19.41 -22.59
C VAL A 416 -24.48 -19.29 -24.12
N ARG A 417 -23.41 -18.70 -24.65
CA ARG A 417 -23.23 -18.66 -26.12
C ARG A 417 -23.15 -20.06 -26.73
N ALA A 418 -22.49 -20.98 -26.03
CA ALA A 418 -22.34 -22.37 -26.49
C ALA A 418 -23.62 -23.21 -26.35
N GLY A 419 -24.61 -22.71 -25.61
CA GLY A 419 -25.83 -23.46 -25.33
C GLY A 419 -25.66 -24.42 -24.16
N LYS A 420 -24.63 -24.21 -23.34
CA LYS A 420 -24.37 -25.08 -22.21
C LYS A 420 -25.15 -24.61 -20.99
N LYS A 421 -25.81 -25.55 -20.34
CA LYS A 421 -26.62 -25.29 -19.15
C LYS A 421 -25.72 -25.17 -17.92
N ILE A 422 -26.11 -24.30 -17.00
CA ILE A 422 -25.44 -24.15 -15.71
C ILE A 422 -26.49 -24.38 -14.62
N ALA A 423 -26.22 -25.35 -13.75
CA ALA A 423 -27.10 -25.64 -12.62
C ALA A 423 -26.61 -24.89 -11.40
N TYR A 424 -27.53 -24.35 -10.61
CA TYR A 424 -27.17 -23.74 -9.34
C TYR A 424 -27.00 -24.86 -8.32
N GLN A 425 -25.83 -24.91 -7.71
CA GLN A 425 -25.51 -25.92 -6.69
C GLN A 425 -25.55 -25.31 -5.28
N GLY A 426 -25.15 -24.05 -5.16
CA GLY A 426 -25.02 -23.41 -3.86
C GLY A 426 -23.84 -23.95 -3.07
N ARG A 427 -23.77 -23.56 -1.81
CA ARG A 427 -22.71 -23.98 -0.89
C ARG A 427 -23.35 -24.62 0.34
N VAL A 428 -22.65 -25.57 0.95
CA VAL A 428 -23.11 -26.15 2.22
C VAL A 428 -22.06 -25.90 3.30
N LYS A 429 -22.46 -26.09 4.56
CA LYS A 429 -21.58 -25.83 5.69
C LYS A 429 -20.36 -26.73 5.62
N ASP A 430 -19.19 -26.17 5.94
CA ASP A 430 -17.92 -26.91 5.99
C ASP A 430 -17.43 -27.42 4.63
N GLU A 431 -18.08 -27.02 3.53
CA GLU A 431 -17.66 -27.46 2.21
C GLU A 431 -16.29 -26.89 1.88
N PRO A 432 -15.41 -27.73 1.30
CA PRO A 432 -14.10 -27.20 0.95
C PRO A 432 -14.13 -26.31 -0.30
N ALA A 433 -13.01 -25.64 -0.55
CA ALA A 433 -12.79 -24.96 -1.82
C ALA A 433 -12.27 -26.01 -2.79
N TYR A 434 -12.57 -25.86 -4.07
CA TYR A 434 -12.22 -26.87 -5.08
C TYR A 434 -11.03 -26.47 -5.93
N TYR A 435 -10.29 -27.48 -6.37
CA TYR A 435 -9.13 -27.31 -7.23
C TYR A 435 -9.27 -28.22 -8.45
N CYS A 436 -8.62 -27.85 -9.54
CA CYS A 436 -8.71 -28.63 -10.77
C CYS A 436 -7.97 -29.97 -10.65
N ASN A 437 -8.63 -31.06 -11.02
CA ASN A 437 -8.03 -32.39 -10.99
C ASN A 437 -6.76 -32.52 -11.85
N GLU A 438 -6.68 -31.78 -12.95
CA GLU A 438 -5.56 -31.89 -13.89
C GLU A 438 -4.40 -30.93 -13.59
N CYS A 439 -4.70 -29.65 -13.33
CA CYS A 439 -3.65 -28.64 -13.21
C CYS A 439 -3.50 -28.02 -11.81
N ASP A 440 -4.35 -28.44 -10.86
CA ASP A 440 -4.29 -28.01 -9.44
C ASP A 440 -4.63 -26.53 -9.19
N VAL A 441 -5.15 -25.83 -10.18
CA VAL A 441 -5.52 -24.42 -9.99
C VAL A 441 -6.79 -24.35 -9.13
N GLU A 442 -6.92 -23.30 -8.32
CA GLU A 442 -8.19 -23.07 -7.62
C GLU A 442 -9.32 -22.89 -8.63
N VAL A 443 -10.44 -23.58 -8.41
CA VAL A 443 -11.62 -23.43 -9.27
C VAL A 443 -12.74 -22.83 -8.43
N PHE A 444 -12.98 -21.52 -8.60
CA PHE A 444 -13.93 -20.79 -7.78
C PHE A 444 -15.28 -20.62 -8.46
N ASN A 445 -16.33 -20.98 -7.75
CA ASN A 445 -17.73 -20.72 -8.12
C ASN A 445 -18.23 -21.58 -9.27
N ILE A 446 -17.71 -21.34 -10.47
CA ILE A 446 -18.14 -22.09 -11.65
C ILE A 446 -17.31 -23.37 -11.73
N LEU A 447 -17.97 -24.50 -11.53
CA LEU A 447 -17.31 -25.80 -11.44
C LEU A 447 -17.67 -26.65 -12.65
N PHE A 448 -16.65 -27.24 -13.28
CA PHE A 448 -16.84 -28.14 -14.41
C PHE A 448 -16.67 -29.55 -13.88
N VAL A 449 -17.75 -30.31 -13.84
CA VAL A 449 -17.76 -31.55 -13.07
C VAL A 449 -17.99 -32.78 -13.97
N THR A 450 -17.25 -33.84 -13.71
CA THR A 450 -17.40 -35.10 -14.41
C THR A 450 -17.58 -36.24 -13.41
N SER A 451 -18.26 -37.30 -13.84
CA SER A 451 -18.42 -38.51 -13.04
C SER A 451 -17.40 -39.54 -13.49
N GLU A 452 -16.43 -39.83 -12.62
CA GLU A 452 -15.34 -40.75 -12.93
C GLU A 452 -15.73 -42.19 -12.59
N ASN A 457 -21.01 -41.61 -7.61
CA ASN A 457 -20.42 -41.42 -6.29
C ASN A 457 -19.19 -40.51 -6.32
N THR A 458 -18.25 -40.81 -7.22
CA THR A 458 -17.00 -40.07 -7.34
C THR A 458 -17.08 -38.98 -8.42
N TYR A 459 -17.00 -37.73 -8.00
CA TYR A 459 -17.04 -36.58 -8.91
C TYR A 459 -15.69 -35.87 -8.94
N LEU A 460 -15.29 -35.43 -10.14
CA LEU A 460 -14.04 -34.70 -10.31
C LEU A 460 -14.32 -33.26 -10.77
N VAL A 461 -13.65 -32.29 -10.16
CA VAL A 461 -13.78 -30.90 -10.57
C VAL A 461 -12.62 -30.53 -11.48
N HIS A 462 -12.93 -29.75 -12.52
CA HIS A 462 -11.93 -29.24 -13.46
C HIS A 462 -12.10 -27.76 -13.61
N CYS A 463 -11.01 -27.07 -13.99
CA CYS A 463 -11.12 -25.67 -14.44
C CYS A 463 -11.66 -25.65 -15.87
N GLU A 464 -12.03 -24.47 -16.33
CA GLU A 464 -12.61 -24.29 -17.67
C GLU A 464 -11.67 -24.80 -18.78
N GLY A 465 -10.39 -24.44 -18.69
CA GLY A 465 -9.40 -24.82 -19.70
C GLY A 465 -9.26 -26.32 -19.84
N CYS A 466 -9.10 -26.99 -18.71
CA CYS A 466 -8.96 -28.46 -18.69
C CYS A 466 -10.24 -29.18 -19.11
N ALA A 467 -11.40 -28.66 -18.73
CA ALA A 467 -12.67 -29.22 -19.20
C ALA A 467 -12.79 -29.13 -20.72
N ARG A 468 -12.50 -27.94 -21.28
CA ARG A 468 -12.54 -27.73 -22.73
C ARG A 468 -11.55 -28.62 -23.48
N ARG A 469 -10.42 -28.92 -22.83
CA ARG A 469 -9.35 -29.74 -23.42
C ARG A 469 -9.70 -31.23 -23.51
N ARG A 470 -10.73 -31.67 -22.78
CA ARG A 470 -11.16 -33.08 -22.87
C ARG A 470 -11.44 -33.47 -24.31
N SER A 471 -11.19 -34.72 -24.67
CA SER A 471 -11.37 -35.17 -26.05
C SER A 471 -12.79 -34.92 -26.58
N ALA A 472 -13.79 -35.00 -25.71
CA ALA A 472 -15.18 -34.73 -26.10
C ALA A 472 -15.65 -33.32 -25.70
N GLY A 473 -14.69 -32.43 -25.42
CA GLY A 473 -15.03 -31.08 -24.96
C GLY A 473 -15.88 -31.13 -23.71
N LEU A 474 -17.01 -30.43 -23.72
CA LEU A 474 -17.88 -30.36 -22.55
C LEU A 474 -18.99 -31.43 -22.54
N GLN A 475 -18.95 -32.37 -23.49
CA GLN A 475 -19.88 -33.50 -23.46
C GLN A 475 -19.63 -34.35 -22.22
N GLY A 476 -20.68 -34.57 -21.43
CA GLY A 476 -20.56 -35.35 -20.20
C GLY A 476 -20.09 -34.52 -19.03
N VAL A 477 -19.79 -33.25 -19.26
CA VAL A 477 -19.40 -32.33 -18.19
C VAL A 477 -20.63 -31.56 -17.73
N VAL A 478 -20.87 -31.56 -16.42
CA VAL A 478 -21.95 -30.75 -15.86
CA VAL A 478 -21.94 -30.78 -15.81
C VAL A 478 -21.33 -29.51 -15.21
N VAL A 479 -21.87 -28.36 -15.57
CA VAL A 479 -21.36 -27.10 -15.04
C VAL A 479 -22.26 -26.67 -13.88
N LEU A 480 -21.62 -26.41 -12.74
CA LEU A 480 -22.32 -25.95 -11.55
C LEU A 480 -21.91 -24.53 -11.20
N GLU A 481 -22.83 -23.81 -10.59
CA GLU A 481 -22.59 -22.47 -10.09
C GLU A 481 -22.89 -22.45 -8.58
N GLN A 482 -21.90 -22.04 -7.79
CA GLN A 482 -22.06 -22.03 -6.34
C GLN A 482 -22.50 -20.67 -5.78
N TYR A 483 -22.29 -19.61 -6.54
CA TYR A 483 -22.72 -18.26 -6.15
C TYR A 483 -23.28 -17.57 -7.38
N ARG A 484 -24.55 -17.18 -7.34
CA ARG A 484 -25.13 -16.38 -8.43
C ARG A 484 -24.45 -15.01 -8.48
N THR A 485 -24.48 -14.38 -9.64
CA THR A 485 -23.93 -13.05 -9.84
C THR A 485 -24.36 -12.09 -8.73
N GLU A 486 -25.65 -12.15 -8.39
CA GLU A 486 -26.23 -11.25 -7.37
C GLU A 486 -25.66 -11.52 -5.97
N GLU A 487 -25.33 -12.77 -5.67
CA GLU A 487 -24.71 -13.09 -4.39
C GLU A 487 -23.34 -12.42 -4.26
N LEU A 488 -22.53 -12.52 -5.31
CA LEU A 488 -21.19 -11.92 -5.31
C LEU A 488 -21.31 -10.39 -5.35
N ALA A 489 -22.21 -9.87 -6.18
CA ALA A 489 -22.39 -8.42 -6.29
C ALA A 489 -22.82 -7.81 -4.95
N GLN A 490 -23.71 -8.49 -4.25
CA GLN A 490 -24.21 -7.97 -2.96
C GLN A 490 -23.12 -8.02 -1.87
N ALA A 491 -22.35 -9.10 -1.84
CA ALA A 491 -21.21 -9.21 -0.92
C ALA A 491 -20.17 -8.15 -1.21
N TYR A 492 -19.85 -7.99 -2.50
CA TYR A 492 -18.89 -6.99 -2.96
C TYR A 492 -19.33 -5.58 -2.58
N ASP A 493 -20.58 -5.24 -2.86
CA ASP A 493 -21.12 -3.90 -2.56
C ASP A 493 -21.11 -3.59 -1.06
N ALA A 494 -21.30 -4.61 -0.23
CA ALA A 494 -21.31 -4.43 1.21
C ALA A 494 -19.90 -4.33 1.79
N PHE A 495 -18.89 -4.70 1.00
CA PHE A 495 -17.50 -4.62 1.44
C PHE A 495 -16.99 -3.20 1.23
N THR A 496 -16.91 -2.43 2.31
CA THR A 496 -16.55 -1.01 2.26
C THR A 496 -15.45 -0.69 3.25
N LEU A 497 -14.72 0.40 3.00
CA LEU A 497 -13.59 0.77 3.84
C LEU A 497 -14.10 1.25 5.19
N ALA A 498 -13.57 0.64 6.25
CA ALA A 498 -14.03 0.91 7.61
C ALA A 498 -13.33 2.14 8.18
N PRO A 499 -14.02 2.89 9.05
CA PRO A 499 -13.44 4.08 9.67
C PRO A 499 -12.45 3.72 10.78
N LYS B 41 -19.01 47.68 -16.52
CA LYS B 41 -18.79 46.23 -16.79
C LYS B 41 -18.44 45.47 -15.51
N LEU B 42 -19.35 44.61 -15.06
CA LEU B 42 -19.13 43.78 -13.86
C LEU B 42 -18.13 42.65 -14.12
N ASN B 43 -18.15 42.14 -15.35
CA ASN B 43 -17.26 41.05 -15.74
C ASN B 43 -16.30 41.49 -16.85
N PRO B 44 -15.00 41.54 -16.56
CA PRO B 44 -14.03 41.82 -17.64
C PRO B 44 -13.99 40.66 -18.63
N PRO B 45 -13.48 40.92 -19.85
CA PRO B 45 -13.42 39.82 -20.82
C PRO B 45 -12.45 38.72 -20.38
N THR B 46 -12.81 37.47 -20.63
CA THR B 46 -11.97 36.34 -20.25
CA THR B 46 -11.97 36.33 -20.25
C THR B 46 -10.77 36.21 -21.19
N PRO B 47 -9.54 36.16 -20.63
CA PRO B 47 -8.42 35.91 -21.55
C PRO B 47 -8.55 34.56 -22.24
N SER B 48 -8.57 34.58 -23.56
CA SER B 48 -8.81 33.37 -24.37
C SER B 48 -7.78 33.22 -25.47
N ILE B 49 -7.49 31.97 -25.82
CA ILE B 49 -6.55 31.65 -26.90
C ILE B 49 -7.08 30.46 -27.69
N TYR B 50 -6.84 30.47 -29.00
CA TYR B 50 -7.02 29.27 -29.83
C TYR B 50 -5.69 28.92 -30.51
N LEU B 51 -5.28 27.67 -30.37
CA LEU B 51 -4.03 27.20 -30.96
C LEU B 51 -4.27 26.71 -32.38
N GLU B 52 -3.78 27.45 -33.37
CA GLU B 52 -4.02 27.14 -34.77
C GLU B 52 -3.32 25.85 -35.20
N SER B 53 -2.16 25.59 -34.60
CA SER B 53 -1.43 24.35 -34.84
C SER B 53 -0.68 23.93 -33.60
N LYS B 54 -0.20 22.69 -33.62
CA LYS B 54 0.66 22.16 -32.57
C LYS B 54 1.91 23.01 -32.33
N ARG B 55 2.40 23.66 -33.39
CA ARG B 55 3.56 24.56 -33.29
C ARG B 55 3.29 25.75 -32.36
N ASP B 56 2.09 26.32 -32.45
CA ASP B 56 1.71 27.48 -31.65
C ASP B 56 1.62 27.16 -30.16
N ALA B 57 1.28 25.92 -29.83
CA ALA B 57 1.19 25.49 -28.43
C ALA B 57 2.56 25.50 -27.75
N PHE B 58 3.62 25.40 -28.55
CA PHE B 58 4.98 25.34 -28.05
C PHE B 58 5.74 26.65 -28.30
N SER B 59 5.01 27.71 -28.67
CA SER B 59 5.59 29.04 -28.81
C SER B 59 5.80 29.70 -27.44
N PRO B 60 6.93 30.42 -27.26
CA PRO B 60 7.11 31.22 -26.04
C PRO B 60 5.99 32.24 -25.77
N VAL B 61 5.27 32.62 -26.83
CA VAL B 61 4.15 33.55 -26.70
C VAL B 61 2.99 33.00 -25.85
N LEU B 62 2.74 31.69 -25.95
CA LEU B 62 1.70 31.05 -25.14
C LEU B 62 2.04 31.11 -23.66
N LEU B 63 3.29 30.75 -23.33
CA LEU B 63 3.81 30.80 -21.97
C LEU B 63 3.73 32.21 -21.39
N GLN B 64 4.14 33.21 -22.15
CA GLN B 64 4.13 34.59 -21.65
C GLN B 64 2.69 35.06 -21.42
N PHE B 65 1.76 34.66 -22.29
CA PHE B 65 0.35 35.03 -22.14
C PHE B 65 -0.25 34.40 -20.87
N CYS B 66 -0.07 33.10 -20.71
CA CYS B 66 -0.63 32.36 -19.57
C CYS B 66 -0.08 32.83 -18.22
N THR B 67 1.20 33.18 -18.18
CA THR B 67 1.83 33.57 -16.93
C THR B 67 1.79 35.09 -16.70
N ASP B 68 1.36 35.86 -17.70
CA ASP B 68 1.23 37.31 -17.56
C ASP B 68 0.35 37.63 -16.34
N PRO B 69 0.87 38.42 -15.37
CA PRO B 69 0.06 38.78 -14.19
C PRO B 69 -1.27 39.46 -14.53
N ARG B 70 -1.35 40.14 -15.66
CA ARG B 70 -2.60 40.74 -16.10
C ARG B 70 -3.68 39.70 -16.46
N ASN B 71 -3.27 38.45 -16.69
CA ASN B 71 -4.21 37.37 -16.98
C ASN B 71 -4.34 36.41 -15.78
N PRO B 72 -5.32 36.65 -14.89
CA PRO B 72 -5.48 35.77 -13.72
C PRO B 72 -5.92 34.36 -14.09
N ILE B 73 -6.51 34.23 -15.27
CA ILE B 73 -6.97 32.95 -15.75
C ILE B 73 -6.93 33.04 -17.28
N THR B 74 -6.60 31.92 -17.93
CA THR B 74 -6.60 31.83 -19.38
C THR B 74 -7.35 30.58 -19.80
N VAL B 75 -8.27 30.72 -20.74
CA VAL B 75 -8.94 29.58 -21.32
C VAL B 75 -8.40 29.32 -22.74
N ILE B 76 -7.87 28.14 -22.95
CA ILE B 76 -7.38 27.74 -24.27
C ILE B 76 -8.50 26.93 -24.91
N ARG B 77 -9.18 27.58 -25.85
CA ARG B 77 -10.36 27.02 -26.50
C ARG B 77 -9.96 25.90 -27.43
N GLY B 78 -10.66 24.76 -27.34
CA GLY B 78 -10.39 23.62 -28.21
C GLY B 78 -8.97 23.08 -28.14
N LEU B 79 -8.34 23.17 -26.96
CA LEU B 79 -6.96 22.71 -26.80
C LEU B 79 -6.80 21.22 -27.10
N ALA B 80 -7.78 20.42 -26.66
CA ALA B 80 -7.72 18.97 -26.86
C ALA B 80 -7.61 18.62 -28.34
N GLY B 81 -8.39 19.32 -29.18
CA GLY B 81 -8.34 19.11 -30.62
C GLY B 81 -7.06 19.61 -31.28
N SER B 82 -6.61 20.80 -30.90
CA SER B 82 -5.40 21.37 -31.47
C SER B 82 -4.16 20.51 -31.19
N LEU B 83 -4.11 19.90 -30.01
CA LEU B 83 -3.00 19.02 -29.65
C LEU B 83 -3.31 17.53 -29.84
N ARG B 84 -4.50 17.24 -30.35
CA ARG B 84 -4.94 15.87 -30.61
C ARG B 84 -4.90 14.98 -29.35
N LEU B 85 -5.35 15.54 -28.23
CA LEU B 85 -5.48 14.78 -26.98
C LEU B 85 -6.69 13.86 -27.03
N ASN B 86 -6.51 12.60 -26.63
CA ASN B 86 -7.60 11.65 -26.53
C ASN B 86 -8.27 11.73 -25.16
N LEU B 87 -9.24 12.62 -25.04
CA LEU B 87 -9.93 12.84 -23.76
C LEU B 87 -10.90 11.71 -23.45
N GLY B 88 -11.24 10.90 -24.45
CA GLY B 88 -11.97 9.65 -24.27
C GLY B 88 -11.34 8.70 -23.24
N LEU B 89 -10.03 8.81 -23.06
CA LEU B 89 -9.30 8.04 -22.05
C LEU B 89 -9.69 8.40 -20.61
N PHE B 90 -10.28 9.58 -20.43
CA PHE B 90 -10.79 10.03 -19.15
C PHE B 90 -12.33 9.99 -19.08
N SER B 91 -12.97 9.34 -20.05
CA SER B 91 -14.42 9.21 -20.04
C SER B 91 -14.81 8.31 -18.87
N THR B 92 -16.04 8.45 -18.39
CA THR B 92 -16.52 7.65 -17.26
C THR B 92 -16.53 6.16 -17.61
N LYS B 93 -16.90 5.82 -18.84
CA LYS B 93 -16.87 4.43 -19.29
C LYS B 93 -15.44 3.86 -19.18
N THR B 94 -14.46 4.61 -19.69
CA THR B 94 -13.05 4.20 -19.63
C THR B 94 -12.54 4.06 -18.19
N LEU B 95 -12.92 5.00 -17.32
CA LEU B 95 -12.52 4.96 -15.90
C LEU B 95 -13.09 3.74 -15.18
N VAL B 96 -14.35 3.44 -15.46
CA VAL B 96 -14.99 2.26 -14.88
C VAL B 96 -14.25 0.99 -15.31
N GLU B 97 -13.96 0.86 -16.61
CA GLU B 97 -13.23 -0.32 -17.11
C GLU B 97 -11.83 -0.43 -16.50
N ALA B 98 -11.14 0.69 -16.38
CA ALA B 98 -9.75 0.71 -15.91
C ALA B 98 -9.63 0.49 -14.40
N SER B 99 -10.48 1.16 -13.63
CA SER B 99 -10.39 1.08 -12.17
CA SER B 99 -10.39 1.12 -12.17
C SER B 99 -11.77 1.29 -11.52
N GLY B 100 -12.70 0.38 -11.85
CA GLY B 100 -14.04 0.42 -11.29
C GLY B 100 -14.12 0.41 -9.76
N GLU B 101 -13.08 -0.12 -9.10
CA GLU B 101 -13.04 -0.21 -7.64
C GLU B 101 -12.41 0.98 -6.94
N HIS B 102 -11.81 1.89 -7.72
CA HIS B 102 -11.06 3.03 -7.15
C HIS B 102 -11.93 3.86 -6.26
N THR B 103 -11.31 4.50 -5.28
CA THR B 103 -12.03 5.31 -4.29
C THR B 103 -12.45 6.66 -4.87
N VAL B 104 -13.70 7.07 -4.60
CA VAL B 104 -14.19 8.41 -4.90
C VAL B 104 -14.63 9.05 -3.59
N GLU B 105 -14.16 10.27 -3.33
CA GLU B 105 -14.55 11.00 -2.14
C GLU B 105 -15.79 11.84 -2.48
N VAL B 106 -16.96 11.34 -2.07
CA VAL B 106 -18.22 11.96 -2.46
C VAL B 106 -18.53 13.15 -1.56
N ARG B 107 -18.88 14.27 -2.18
CA ARG B 107 -19.36 15.46 -1.47
C ARG B 107 -20.84 15.64 -1.79
N THR B 108 -21.67 15.58 -0.75
CA THR B 108 -23.11 15.75 -0.89
C THR B 108 -23.46 17.22 -0.72
N GLN B 109 -24.20 17.75 -1.68
CA GLN B 109 -24.51 19.18 -1.72
C GLN B 109 -25.97 19.37 -2.11
N VAL B 110 -26.54 20.50 -1.71
CA VAL B 110 -27.84 20.94 -2.19
C VAL B 110 -27.64 21.60 -3.55
N GLN B 111 -28.42 21.20 -4.54
CA GLN B 111 -28.31 21.77 -5.89
C GLN B 111 -28.81 23.22 -5.89
N GLN B 112 -27.95 24.14 -6.33
CA GLN B 112 -28.29 25.57 -6.37
C GLN B 112 -27.76 26.21 -7.65
N PRO B 113 -28.50 27.20 -8.21
CA PRO B 113 -27.96 28.02 -9.30
C PRO B 113 -26.59 28.60 -8.96
N SER B 114 -25.75 28.81 -9.97
CA SER B 114 -24.34 29.13 -9.76
C SER B 114 -24.12 30.50 -9.12
N ASP B 115 -25.09 31.40 -9.23
CA ASP B 115 -24.98 32.71 -8.58
C ASP B 115 -25.78 32.78 -7.27
N GLU B 116 -26.04 31.62 -6.68
CA GLU B 116 -26.82 31.55 -5.44
C GLU B 116 -26.20 30.60 -4.42
N ASN B 117 -26.21 31.00 -3.16
CA ASN B 117 -25.91 30.13 -2.03
C ASN B 117 -26.77 30.59 -0.86
N TRP B 118 -27.79 29.80 -0.53
CA TRP B 118 -28.85 30.22 0.37
C TRP B 118 -28.62 29.76 1.78
N ASP B 119 -29.14 30.53 2.73
CA ASP B 119 -29.24 30.10 4.13
C ASP B 119 -30.25 28.95 4.26
N LEU B 120 -30.39 28.40 5.46
CA LEU B 120 -31.31 27.29 5.71
C LEU B 120 -32.78 27.67 5.53
N THR B 121 -33.11 28.94 5.76
CA THR B 121 -34.47 29.44 5.58
C THR B 121 -34.83 29.64 4.11
N GLY B 122 -33.82 29.81 3.26
CA GLY B 122 -34.04 30.12 1.85
C GLY B 122 -34.46 31.56 1.64
N THR B 123 -34.04 32.43 2.55
CA THR B 123 -34.43 33.85 2.52
C THR B 123 -33.31 34.78 2.03
N ARG B 124 -32.05 34.40 2.22
CA ARG B 124 -30.93 35.24 1.82
C ARG B 124 -29.65 34.50 1.48
N GLN B 125 -28.73 35.22 0.85
CA GLN B 125 -27.44 34.67 0.44
C GLN B 125 -26.48 34.64 1.63
N ILE B 126 -25.68 33.57 1.72
CA ILE B 126 -24.60 33.49 2.70
C ILE B 126 -23.30 33.01 2.04
N TRP B 127 -22.16 33.22 2.71
CA TRP B 127 -20.87 32.74 2.20
C TRP B 127 -20.57 31.30 2.49
N PRO B 128 -20.76 30.83 3.75
CA PRO B 128 -20.44 29.43 4.04
C PRO B 128 -21.24 28.46 3.16
N CYS B 129 -20.57 27.42 2.68
CA CYS B 129 -21.15 26.45 1.78
CA CYS B 129 -21.22 26.43 1.83
C CYS B 129 -20.70 25.04 2.17
N GLU B 130 -21.33 24.45 3.18
CA GLU B 130 -20.90 23.15 3.71
C GLU B 130 -21.48 21.96 2.95
N SER B 131 -20.86 20.81 3.18
CA SER B 131 -21.25 19.57 2.54
C SER B 131 -20.94 18.40 3.47
N SER B 132 -21.34 17.21 3.07
CA SER B 132 -21.01 16.00 3.82
C SER B 132 -20.03 15.17 3.01
N ARG B 133 -19.09 14.52 3.70
CA ARG B 133 -18.09 13.66 3.07
C ARG B 133 -18.49 12.19 3.20
N SER B 134 -18.44 11.45 2.10
CA SER B 134 -18.58 9.99 2.13
C SER B 134 -17.70 9.37 1.05
N HIS B 135 -17.61 8.05 1.03
CA HIS B 135 -16.75 7.36 0.07
C HIS B 135 -17.50 6.28 -0.66
N THR B 136 -17.21 6.15 -1.94
CA THR B 136 -17.77 5.07 -2.76
C THR B 136 -16.73 4.72 -3.83
N THR B 137 -17.17 4.02 -4.88
CA THR B 137 -16.29 3.56 -5.93
C THR B 137 -16.57 4.31 -7.23
N ILE B 138 -15.58 4.33 -8.11
CA ILE B 138 -15.76 4.89 -9.44
C ILE B 138 -16.97 4.25 -10.14
N ALA B 139 -17.15 2.93 -9.96
CA ALA B 139 -18.27 2.22 -10.59
C ALA B 139 -19.63 2.67 -10.07
N LYS B 140 -19.74 2.89 -8.77
CA LYS B 140 -21.00 3.33 -8.16
C LYS B 140 -21.31 4.77 -8.50
N TYR B 141 -20.31 5.65 -8.42
CA TYR B 141 -20.53 7.04 -8.83
C TYR B 141 -20.87 7.12 -10.32
N ALA B 142 -20.18 6.34 -11.15
CA ALA B 142 -20.51 6.24 -12.57
C ALA B 142 -21.99 5.92 -12.80
N GLN B 143 -22.51 4.96 -12.04
N GLN B 143 -22.52 4.97 -12.04
CA GLN B 143 -23.91 4.56 -12.14
CA GLN B 143 -23.93 4.59 -12.18
C GLN B 143 -24.85 5.71 -11.75
C GLN B 143 -24.86 5.73 -11.77
N TYR B 144 -24.47 6.44 -10.70
CA TYR B 144 -25.22 7.62 -10.26
C TYR B 144 -25.20 8.71 -11.32
N GLN B 145 -24.01 8.98 -11.85
CA GLN B 145 -23.81 9.95 -12.92
C GLN B 145 -24.63 9.58 -14.15
N ALA B 146 -24.63 8.30 -14.51
CA ALA B 146 -25.41 7.80 -15.65
C ALA B 146 -26.91 7.86 -15.41
N SER B 147 -27.34 7.44 -14.22
CA SER B 147 -28.77 7.39 -13.88
C SER B 147 -29.35 8.79 -13.73
N SER B 148 -28.59 9.70 -13.10
CA SER B 148 -29.03 11.09 -12.97
C SER B 148 -29.21 11.72 -14.34
N PHE B 149 -28.32 11.42 -15.26
CA PHE B 149 -28.44 11.85 -16.66
C PHE B 149 -29.69 11.27 -17.32
N GLN B 150 -30.01 10.03 -16.98
CA GLN B 150 -31.20 9.35 -17.52
C GLN B 150 -32.47 9.96 -16.92
N GLU B 151 -32.44 10.25 -15.62
CA GLU B 151 -33.57 10.87 -14.93
C GLU B 151 -34.13 12.11 -15.62
N SER B 152 -33.30 12.79 -16.43
CA SER B 152 -33.76 13.85 -17.31
C SER B 152 -34.61 13.25 -18.44
N LEU B 153 -35.91 13.54 -18.42
CA LEU B 153 -36.87 12.99 -19.40
C LEU B 153 -37.03 11.48 -19.22
N HIS B 184 -33.64 21.82 -1.88
CA HIS B 184 -34.32 20.56 -1.62
C HIS B 184 -33.72 19.41 -2.38
N HIS B 185 -33.32 19.65 -3.63
CA HIS B 185 -32.70 18.60 -4.45
C HIS B 185 -31.25 18.41 -4.09
N ILE B 186 -30.93 17.25 -3.55
CA ILE B 186 -29.57 16.92 -3.11
C ILE B 186 -28.81 16.25 -4.25
N ILE B 187 -27.56 16.66 -4.47
CA ILE B 187 -26.71 16.04 -5.49
C ILE B 187 -25.39 15.55 -4.90
N LYS B 188 -24.71 14.66 -5.62
CA LYS B 188 -23.44 14.12 -5.18
C LYS B 188 -22.32 14.42 -6.18
N PHE B 189 -21.20 14.89 -5.64
CA PHE B 189 -20.05 15.36 -6.40
C PHE B 189 -18.92 14.38 -6.10
N GLY B 190 -18.42 13.70 -7.12
CA GLY B 190 -17.32 12.74 -7.00
C GLY B 190 -15.97 13.43 -7.10
N THR B 191 -15.31 13.63 -5.96
CA THR B 191 -14.09 14.42 -5.92
C THR B 191 -12.84 13.60 -5.62
N ASN B 192 -11.70 14.20 -5.94
CA ASN B 192 -10.39 13.74 -5.49
C ASN B 192 -10.05 12.31 -5.89
N ILE B 193 -10.37 11.95 -7.12
CA ILE B 193 -10.02 10.66 -7.65
C ILE B 193 -8.55 10.69 -8.05
N ASP B 194 -7.77 9.79 -7.43
CA ASP B 194 -6.31 9.84 -7.47
C ASP B 194 -5.78 9.11 -8.70
N LEU B 195 -5.23 9.85 -9.67
CA LEU B 195 -4.66 9.24 -10.87
C LEU B 195 -3.13 9.18 -10.82
N SER B 196 -2.57 8.95 -9.63
CA SER B 196 -1.11 8.94 -9.45
C SER B 196 -0.41 7.63 -9.89
N ASP B 197 -1.13 6.51 -9.89
CA ASP B 197 -0.53 5.20 -10.17
C ASP B 197 -0.11 5.08 -11.64
N ALA B 198 1.19 5.23 -11.87
CA ALA B 198 1.78 5.24 -13.21
C ALA B 198 1.45 4.01 -14.06
N LYS B 199 1.33 2.85 -13.41
CA LYS B 199 1.03 1.61 -14.12
C LYS B 199 -0.45 1.52 -14.48
N ARG B 200 -1.31 1.72 -13.48
CA ARG B 200 -2.75 1.65 -13.67
C ARG B 200 -3.27 2.67 -14.68
N TRP B 201 -2.71 3.89 -14.64
CA TRP B 201 -3.16 5.00 -15.47
C TRP B 201 -2.21 5.36 -16.59
N LYS B 202 -1.42 4.39 -17.07
CA LYS B 202 -0.34 4.67 -18.02
C LYS B 202 -0.81 5.41 -19.28
N PRO B 203 -1.85 4.88 -19.97
CA PRO B 203 -2.28 5.59 -21.19
C PRO B 203 -2.88 6.97 -20.95
N GLN B 204 -3.58 7.14 -19.83
CA GLN B 204 -4.14 8.44 -19.46
C GLN B 204 -3.01 9.45 -19.26
N LEU B 205 -1.99 9.04 -18.51
CA LEU B 205 -0.86 9.93 -18.20
C LEU B 205 0.05 10.19 -19.41
N GLN B 206 0.23 9.19 -20.26
CA GLN B 206 1.02 9.37 -21.48
C GLN B 206 0.39 10.42 -22.39
N GLU B 207 -0.94 10.49 -22.38
CA GLU B 207 -1.67 11.43 -23.21
C GLU B 207 -1.36 12.88 -22.82
N LEU B 208 -1.12 13.12 -21.54
CA LEU B 208 -0.85 14.46 -21.03
C LEU B 208 0.58 14.93 -21.34
N LEU B 209 1.41 14.04 -21.88
CA LEU B 209 2.74 14.41 -22.38
C LEU B 209 2.68 15.21 -23.69
N LYS B 210 1.51 15.26 -24.33
CA LYS B 210 1.33 16.02 -25.56
C LYS B 210 1.19 17.54 -25.31
N LEU B 211 1.01 17.92 -24.06
CA LEU B 211 0.89 19.33 -23.70
C LEU B 211 2.24 20.01 -23.82
N PRO B 212 2.25 21.34 -23.98
CA PRO B 212 3.52 22.04 -23.95
C PRO B 212 4.21 21.86 -22.61
N ALA B 213 5.54 21.91 -22.62
CA ALA B 213 6.36 21.60 -21.45
C ALA B 213 5.87 22.25 -20.16
N PHE B 214 5.58 23.56 -20.21
CA PHE B 214 5.26 24.31 -18.99
C PHE B 214 3.96 23.86 -18.32
N MET B 215 3.10 23.18 -19.08
CA MET B 215 1.82 22.70 -18.56
C MET B 215 1.85 21.24 -18.12
N ARG B 216 2.92 20.52 -18.43
CA ARG B 216 2.97 19.08 -18.14
C ARG B 216 3.02 18.83 -16.64
N VAL B 217 2.64 17.62 -16.25
CA VAL B 217 2.72 17.21 -14.85
C VAL B 217 4.17 17.30 -14.34
N THR B 218 5.12 16.87 -15.16
CA THR B 218 6.54 16.97 -14.82
C THR B 218 7.31 17.73 -15.90
N SER B 219 8.09 18.73 -15.49
CA SER B 219 8.97 19.48 -16.40
C SER B 219 10.08 20.19 -15.62
N THR B 220 11.17 20.55 -16.29
CA THR B 220 12.34 21.12 -15.61
C THR B 220 12.07 22.50 -15.01
N GLY B 221 11.21 23.27 -15.66
CA GLY B 221 10.80 24.60 -15.18
C GLY B 221 9.64 24.63 -14.19
N ASN B 222 9.25 23.46 -13.69
CA ASN B 222 8.17 23.31 -12.71
C ASN B 222 8.75 23.00 -11.32
N MET B 223 8.51 23.87 -10.35
CA MET B 223 9.03 23.67 -8.97
C MET B 223 8.59 22.36 -8.32
N LEU B 224 7.39 21.89 -8.66
CA LEU B 224 6.89 20.63 -8.11
C LEU B 224 7.66 19.42 -8.64
N SER B 225 8.35 19.60 -9.77
CA SER B 225 9.21 18.54 -10.32
C SER B 225 10.56 18.47 -9.60
N HIS B 226 10.83 19.40 -8.69
CA HIS B 226 12.05 19.41 -7.87
C HIS B 226 11.76 19.22 -6.40
N VAL B 227 10.57 18.73 -6.08
CA VAL B 227 10.24 18.40 -4.70
C VAL B 227 11.01 17.14 -4.27
N GLY B 228 11.10 16.17 -5.17
CA GLY B 228 11.82 14.92 -4.92
C GLY B 228 10.92 13.79 -4.43
N HIS B 229 9.63 14.09 -4.27
CA HIS B 229 8.64 13.13 -3.82
C HIS B 229 7.26 13.57 -4.21
N THR B 230 6.29 12.67 -4.05
CA THR B 230 4.91 12.95 -4.42
C THR B 230 4.21 13.92 -3.46
N ILE B 231 3.59 14.94 -4.02
CA ILE B 231 2.64 15.78 -3.30
C ILE B 231 1.29 15.54 -3.97
N LEU B 232 0.50 14.67 -3.35
CA LEU B 232 -0.77 14.21 -3.94
C LEU B 232 -1.66 15.36 -4.38
N GLY B 233 -2.09 15.32 -5.63
CA GLY B 233 -2.95 16.35 -6.20
C GLY B 233 -2.25 17.58 -6.74
N MET B 234 -0.95 17.71 -6.49
CA MET B 234 -0.18 18.83 -7.03
C MET B 234 0.72 18.37 -8.17
N ASN B 235 1.63 17.45 -7.87
CA ASN B 235 2.44 16.83 -8.93
C ASN B 235 1.92 15.45 -9.31
N THR B 236 0.68 15.16 -8.93
CA THR B 236 -0.08 14.05 -9.48
C THR B 236 -1.47 14.56 -9.90
N VAL B 237 -2.05 13.87 -10.85
CA VAL B 237 -3.33 14.25 -11.44
C VAL B 237 -4.51 13.84 -10.56
N GLN B 238 -5.43 14.77 -10.33
CA GLN B 238 -6.71 14.48 -9.68
C GLN B 238 -7.82 14.50 -10.72
N LEU B 239 -8.80 13.61 -10.56
CA LEU B 239 -9.97 13.53 -11.42
C LEU B 239 -11.22 13.89 -10.62
N TYR B 240 -12.14 14.62 -11.25
CA TYR B 240 -13.42 15.00 -10.62
C TYR B 240 -14.54 14.54 -11.55
N MET B 241 -15.51 13.81 -10.98
CA MET B 241 -16.68 13.35 -11.73
C MET B 241 -17.90 14.12 -11.22
N LYS B 242 -18.63 14.75 -12.15
CA LYS B 242 -19.65 15.74 -11.78
C LYS B 242 -21.04 15.50 -12.37
N VAL B 243 -22.05 15.98 -11.65
CA VAL B 243 -23.42 16.12 -12.13
C VAL B 243 -23.77 17.61 -12.07
N PRO B 244 -24.78 18.06 -12.82
CA PRO B 244 -25.18 19.48 -12.77
C PRO B 244 -25.34 19.97 -11.33
N GLY B 245 -24.70 21.09 -11.01
CA GLY B 245 -24.73 21.63 -9.65
C GLY B 245 -23.53 21.29 -8.76
N SER B 246 -22.73 20.31 -9.17
CA SER B 246 -21.53 19.95 -8.40
C SER B 246 -20.64 21.18 -8.27
N ARG B 247 -20.32 21.53 -7.03
CA ARG B 247 -19.79 22.84 -6.72
C ARG B 247 -18.41 22.74 -6.09
N THR B 248 -17.47 23.46 -6.66
CA THR B 248 -16.12 23.58 -6.14
C THR B 248 -16.03 24.92 -5.40
N PRO B 249 -15.96 24.90 -4.07
CA PRO B 249 -15.91 26.14 -3.29
C PRO B 249 -14.70 27.02 -3.60
N GLY B 250 -14.82 28.31 -3.28
CA GLY B 250 -13.79 29.29 -3.60
C GLY B 250 -12.49 29.06 -2.87
N HIS B 251 -11.37 29.25 -3.56
CA HIS B 251 -10.05 29.12 -2.95
C HIS B 251 -8.94 29.65 -3.83
N GLN B 252 -7.79 29.85 -3.20
CA GLN B 252 -6.53 29.91 -3.92
C GLN B 252 -5.89 28.54 -3.80
N GLU B 253 -5.04 28.21 -4.77
CA GLU B 253 -4.31 26.94 -4.75
C GLU B 253 -3.28 26.94 -3.62
N ASN B 254 -2.82 25.76 -3.25
CA ASN B 254 -1.74 25.62 -2.25
C ASN B 254 -0.54 26.46 -2.64
N ASN B 255 -0.09 27.31 -1.71
CA ASN B 255 1.05 28.20 -1.93
C ASN B 255 0.98 29.01 -3.24
N ASN B 256 -0.25 29.34 -3.64
CA ASN B 256 -0.50 30.17 -4.82
C ASN B 256 0.06 29.58 -6.13
N PHE B 257 0.22 28.26 -6.17
CA PHE B 257 0.74 27.59 -7.36
C PHE B 257 -0.30 27.56 -8.48
N CYS B 258 0.18 27.65 -9.72
CA CYS B 258 -0.71 27.62 -10.88
C CYS B 258 -1.34 26.25 -11.02
N SER B 259 -2.46 26.19 -11.74
CA SER B 259 -3.15 24.93 -11.94
C SER B 259 -3.58 24.81 -13.40
N VAL B 260 -3.58 23.58 -13.89
CA VAL B 260 -4.03 23.24 -15.23
C VAL B 260 -5.27 22.37 -15.06
N ASN B 261 -6.37 22.74 -15.72
CA ASN B 261 -7.65 22.05 -15.59
C ASN B 261 -8.26 21.83 -16.98
N ILE B 262 -8.57 20.58 -17.29
CA ILE B 262 -9.14 20.22 -18.58
C ILE B 262 -10.51 19.58 -18.33
N ASN B 263 -11.52 20.08 -19.05
CA ASN B 263 -12.86 19.51 -18.98
C ASN B 263 -12.96 18.38 -20.02
N ILE B 264 -13.18 17.17 -19.52
CA ILE B 264 -13.37 16.00 -20.37
C ILE B 264 -14.77 16.03 -20.98
N GLY B 265 -15.70 16.60 -20.19
CA GLY B 265 -17.11 16.71 -20.51
C GLY B 265 -17.79 15.40 -20.77
N PRO B 266 -19.11 15.45 -20.93
CA PRO B 266 -19.67 15.76 -22.24
C PRO B 266 -20.23 17.19 -22.09
N GLY B 267 -20.48 17.62 -20.85
CA GLY B 267 -21.09 18.91 -20.53
C GLY B 267 -20.12 19.98 -20.06
N ASP B 268 -20.67 21.17 -19.78
CA ASP B 268 -19.89 22.37 -19.48
C ASP B 268 -19.67 22.59 -18.00
N CYS B 269 -18.60 23.32 -17.71
CA CYS B 269 -18.31 23.88 -16.39
C CYS B 269 -18.34 25.39 -16.44
N GLU B 270 -18.98 25.99 -15.44
CA GLU B 270 -18.96 27.44 -15.29
C GLU B 270 -17.93 27.83 -14.24
N TRP B 271 -17.13 28.84 -14.59
CA TRP B 271 -16.01 29.29 -13.78
C TRP B 271 -16.19 30.70 -13.36
N PHE B 272 -15.69 31.01 -12.16
CA PHE B 272 -15.62 32.34 -11.63
C PHE B 272 -14.20 32.57 -11.12
N ALA B 273 -13.64 33.75 -11.33
CA ALA B 273 -12.30 34.04 -10.84
C ALA B 273 -12.06 35.51 -10.56
N VAL B 274 -11.18 35.77 -9.59
CA VAL B 274 -10.79 37.11 -9.20
C VAL B 274 -9.26 37.15 -9.09
N HIS B 275 -8.67 38.24 -9.57
CA HIS B 275 -7.22 38.41 -9.49
C HIS B 275 -6.71 38.25 -8.08
N GLU B 276 -5.54 37.63 -7.95
CA GLU B 276 -4.82 37.50 -6.68
C GLU B 276 -4.77 38.80 -5.88
N HIS B 277 -4.65 39.92 -6.58
CA HIS B 277 -4.55 41.25 -5.97
C HIS B 277 -5.63 41.51 -4.92
N TYR B 278 -6.83 40.97 -5.16
CA TYR B 278 -7.99 41.22 -4.29
C TYR B 278 -8.17 40.21 -3.14
N TRP B 279 -7.21 39.32 -2.91
CA TRP B 279 -7.44 38.18 -1.99
C TRP B 279 -7.74 38.59 -0.56
N GLU B 280 -7.07 39.65 -0.07
CA GLU B 280 -7.32 40.14 1.29
C GLU B 280 -8.76 40.63 1.47
N THR B 281 -9.34 41.21 0.43
CA THR B 281 -10.73 41.64 0.50
C THR B 281 -11.68 40.45 0.61
N ILE B 282 -11.41 39.41 -0.18
CA ILE B 282 -12.20 38.19 -0.13
C ILE B 282 -12.05 37.52 1.24
N SER B 283 -10.82 37.51 1.77
CA SER B 283 -10.58 37.00 3.12
C SER B 283 -11.35 37.79 4.20
N ALA B 284 -11.42 39.12 4.04
CA ALA B 284 -12.19 39.95 4.96
C ALA B 284 -13.69 39.63 4.91
N PHE B 285 -14.23 39.37 3.71
CA PHE B 285 -15.62 38.95 3.56
C PHE B 285 -15.86 37.62 4.29
N CYS B 286 -14.92 36.69 4.14
CA CYS B 286 -15.03 35.38 4.80
C CYS B 286 -15.11 35.56 6.33
N ASP B 287 -14.22 36.39 6.88
N ASP B 287 -14.23 36.40 6.87
CA ASP B 287 -14.22 36.73 8.30
CA ASP B 287 -14.20 36.70 8.30
C ASP B 287 -15.56 37.29 8.74
C ASP B 287 -15.52 37.34 8.77
N ARG B 288 -16.04 38.27 7.97
CA ARG B 288 -17.29 38.97 8.28
C ARG B 288 -18.50 38.03 8.16
N HIS B 289 -18.38 36.99 7.35
CA HIS B 289 -19.45 36.01 7.19
C HIS B 289 -19.19 34.69 7.89
N GLY B 290 -18.24 34.70 8.83
CA GLY B 290 -18.06 33.58 9.77
C GLY B 290 -17.43 32.31 9.24
N VAL B 291 -16.57 32.41 8.23
CA VAL B 291 -15.91 31.23 7.64
C VAL B 291 -14.40 31.48 7.48
N ASP B 292 -13.61 30.42 7.65
CA ASP B 292 -12.15 30.50 7.54
C ASP B 292 -11.75 30.62 6.07
N TYR B 293 -11.08 31.70 5.70
CA TYR B 293 -10.72 31.93 4.30
C TYR B 293 -9.80 30.83 3.75
N LEU B 294 -8.76 30.51 4.51
CA LEU B 294 -7.70 29.60 4.06
C LEU B 294 -8.12 28.12 4.02
N THR B 295 -8.91 27.70 5.00
CA THR B 295 -9.24 26.29 5.15
C THR B 295 -10.72 25.97 5.01
N GLY B 296 -11.57 26.98 5.08
CA GLY B 296 -13.02 26.78 5.11
C GLY B 296 -13.63 26.64 3.73
N SER B 297 -14.92 26.32 3.71
CA SER B 297 -15.68 26.06 2.49
C SER B 297 -16.70 27.20 2.27
N TRP B 298 -16.47 28.00 1.23
CA TRP B 298 -17.28 29.19 0.98
C TRP B 298 -17.52 29.48 -0.48
N TRP B 299 -18.56 30.28 -0.71
CA TRP B 299 -19.04 30.60 -2.05
C TRP B 299 -19.36 32.07 -2.06
N PRO B 300 -18.57 32.88 -2.81
CA PRO B 300 -18.81 34.33 -2.76
C PRO B 300 -20.21 34.73 -3.18
N ILE B 301 -20.73 35.74 -2.47
CA ILE B 301 -21.93 36.44 -2.88
C ILE B 301 -21.45 37.46 -3.91
N LEU B 302 -21.86 37.30 -5.16
CA LEU B 302 -21.35 38.16 -6.23
C LEU B 302 -21.62 39.65 -5.98
N ASP B 303 -22.79 39.96 -5.44
CA ASP B 303 -23.14 41.35 -5.15
C ASP B 303 -22.16 42.03 -4.17
N ASP B 304 -21.65 41.26 -3.22
CA ASP B 304 -20.59 41.74 -2.31
C ASP B 304 -19.33 42.14 -3.10
N LEU B 305 -18.94 41.29 -4.06
CA LEU B 305 -17.76 41.56 -4.89
C LEU B 305 -18.00 42.77 -5.81
N TYR B 306 -19.16 42.83 -6.45
CA TYR B 306 -19.51 43.96 -7.28
C TYR B 306 -19.57 45.27 -6.48
N ALA B 307 -20.11 45.21 -5.27
CA ALA B 307 -20.20 46.39 -4.40
C ALA B 307 -18.83 46.92 -4.00
N SER B 308 -17.81 46.05 -4.00
CA SER B 308 -16.44 46.46 -3.71
C SER B 308 -15.62 46.73 -4.97
N ASN B 309 -16.29 46.79 -6.12
CA ASN B 309 -15.64 47.01 -7.42
C ASN B 309 -14.55 45.98 -7.72
N ILE B 310 -14.78 44.74 -7.30
CA ILE B 310 -13.87 43.65 -7.61
C ILE B 310 -14.33 43.04 -8.93
N PRO B 311 -13.48 43.12 -9.99
CA PRO B 311 -13.89 42.50 -11.24
C PRO B 311 -13.96 40.97 -11.10
N VAL B 312 -15.03 40.36 -11.58
CA VAL B 312 -15.22 38.93 -11.49
C VAL B 312 -15.24 38.33 -12.89
N TYR B 313 -14.24 37.52 -13.20
CA TYR B 313 -14.18 36.82 -14.46
C TYR B 313 -15.21 35.71 -14.41
N ARG B 314 -15.99 35.58 -15.48
CA ARG B 314 -17.02 34.56 -15.56
C ARG B 314 -16.97 33.97 -16.96
N PHE B 315 -16.83 32.65 -17.05
CA PHE B 315 -16.79 32.00 -18.34
C PHE B 315 -17.22 30.55 -18.25
N VAL B 316 -17.47 29.97 -19.41
CA VAL B 316 -17.79 28.55 -19.55
C VAL B 316 -16.57 27.81 -20.09
N GLN B 317 -16.23 26.70 -19.45
CA GLN B 317 -15.21 25.79 -19.92
C GLN B 317 -15.92 24.62 -20.59
N ARG B 318 -15.80 24.53 -21.92
CA ARG B 318 -16.46 23.49 -22.68
CA ARG B 318 -16.46 23.50 -22.70
C ARG B 318 -15.59 22.24 -22.77
N PRO B 319 -16.17 21.11 -23.20
CA PRO B 319 -15.32 19.92 -23.29
C PRO B 319 -14.13 20.16 -24.21
N GLY B 320 -12.94 19.82 -23.75
CA GLY B 320 -11.70 20.03 -24.51
C GLY B 320 -11.02 21.37 -24.26
N ASP B 321 -11.69 22.27 -23.54
CA ASP B 321 -11.09 23.55 -23.14
C ASP B 321 -10.20 23.34 -21.92
N LEU B 322 -9.02 23.94 -21.97
CA LEU B 322 -8.07 23.90 -20.86
C LEU B 322 -8.12 25.23 -20.16
N VAL B 323 -8.23 25.20 -18.83
CA VAL B 323 -8.16 26.40 -18.02
C VAL B 323 -6.81 26.42 -17.33
N TRP B 324 -6.10 27.52 -17.50
CA TRP B 324 -4.87 27.78 -16.76
C TRP B 324 -5.19 28.79 -15.70
N ILE B 325 -5.08 28.36 -14.44
CA ILE B 325 -5.29 29.22 -13.29
C ILE B 325 -3.93 29.79 -12.92
N ASN B 326 -3.76 31.09 -13.13
CA ASN B 326 -2.50 31.76 -12.88
C ASN B 326 -2.27 31.89 -11.37
N ALA B 327 -1.07 32.24 -10.99
CA ALA B 327 -0.62 32.23 -9.59
C ALA B 327 -1.49 33.08 -8.68
N GLY B 328 -2.08 32.43 -7.68
CA GLY B 328 -2.81 33.11 -6.62
C GLY B 328 -4.23 33.52 -6.97
N THR B 329 -4.69 33.16 -8.16
CA THR B 329 -6.04 33.50 -8.57
C THR B 329 -7.07 32.82 -7.68
N VAL B 330 -8.01 33.62 -7.18
CA VAL B 330 -9.13 33.11 -6.40
C VAL B 330 -10.18 32.63 -7.39
N HIS B 331 -10.62 31.38 -7.26
CA HIS B 331 -11.55 30.80 -8.23
C HIS B 331 -12.55 29.87 -7.59
N TRP B 332 -13.70 29.73 -8.26
CA TRP B 332 -14.74 28.78 -7.84
C TRP B 332 -15.48 28.29 -9.07
N VAL B 333 -16.07 27.09 -8.99
CA VAL B 333 -16.53 26.37 -10.17
C VAL B 333 -17.85 25.64 -9.89
N GLN B 334 -18.72 25.55 -10.90
CA GLN B 334 -19.90 24.70 -10.81
C GLN B 334 -20.14 24.03 -12.16
N ALA B 335 -20.36 22.71 -12.12
CA ALA B 335 -20.78 21.98 -13.30
C ALA B 335 -22.18 22.43 -13.74
N THR B 336 -22.31 22.74 -15.02
CA THR B 336 -23.60 23.06 -15.61
C THR B 336 -24.23 21.76 -16.14
N GLY B 337 -23.41 20.94 -16.78
CA GLY B 337 -23.85 19.64 -17.28
C GLY B 337 -23.22 18.49 -16.52
N TRP B 338 -23.27 17.31 -17.12
CA TRP B 338 -22.55 16.14 -16.62
C TRP B 338 -21.18 16.17 -17.26
N CYS B 339 -20.15 16.04 -16.45
CA CYS B 339 -18.78 16.12 -16.99
C CYS B 339 -17.77 15.57 -15.99
N ASN B 340 -16.57 15.27 -16.49
CA ASN B 340 -15.41 15.01 -15.65
C ASN B 340 -14.36 16.09 -15.90
N ASN B 341 -13.59 16.43 -14.86
CA ASN B 341 -12.46 17.35 -14.98
C ASN B 341 -11.18 16.68 -14.47
N ILE B 342 -10.05 16.95 -15.11
CA ILE B 342 -8.74 16.55 -14.57
C ILE B 342 -7.91 17.80 -14.27
N ALA B 343 -7.08 17.73 -13.24
CA ALA B 343 -6.33 18.90 -12.82
C ALA B 343 -5.06 18.54 -12.05
N TRP B 344 -4.06 19.40 -12.16
CA TRP B 344 -2.84 19.29 -11.37
C TRP B 344 -2.23 20.66 -11.29
N ASN B 345 -1.22 20.81 -10.45
CA ASN B 345 -0.56 22.09 -10.30
C ASN B 345 0.76 22.15 -11.07
N VAL B 346 1.17 23.37 -11.37
CA VAL B 346 2.49 23.65 -11.89
C VAL B 346 2.98 24.91 -11.19
N GLY B 347 4.26 24.95 -10.84
CA GLY B 347 4.84 26.11 -10.18
C GLY B 347 5.97 26.63 -11.05
N PRO B 348 5.63 27.45 -12.07
CA PRO B 348 6.69 27.91 -12.97
C PRO B 348 7.79 28.65 -12.24
N LEU B 349 9.04 28.41 -12.65
CA LEU B 349 10.18 29.07 -12.02
CA LEU B 349 10.18 29.08 -12.03
C LEU B 349 10.30 30.50 -12.57
N THR B 350 9.47 31.39 -12.01
CA THR B 350 9.46 32.81 -12.33
C THR B 350 9.46 33.59 -11.03
N ALA B 351 9.94 34.82 -11.07
CA ALA B 351 9.96 35.66 -9.89
C ALA B 351 8.54 35.85 -9.34
N TYR B 352 7.61 36.05 -10.26
CA TYR B 352 6.20 36.29 -9.90
C TYR B 352 5.62 35.13 -9.10
N GLN B 353 5.74 33.92 -9.63
CA GLN B 353 5.23 32.72 -8.95
C GLN B 353 5.95 32.46 -7.63
N TYR B 354 7.28 32.63 -7.63
CA TYR B 354 8.07 32.33 -6.43
C TYR B 354 7.73 33.28 -5.29
N GLN B 355 7.60 34.57 -5.60
CA GLN B 355 7.26 35.57 -4.58
C GLN B 355 5.90 35.29 -3.96
N LEU B 356 4.90 34.96 -4.79
CA LEU B 356 3.57 34.65 -4.28
C LEU B 356 3.58 33.35 -3.46
N ALA B 357 4.42 32.40 -3.85
CA ALA B 357 4.53 31.13 -3.15
C ALA B 357 5.09 31.33 -1.74
N LEU B 358 6.17 32.10 -1.63
CA LEU B 358 6.78 32.38 -0.32
C LEU B 358 5.92 33.27 0.55
N GLU B 359 5.26 34.27 -0.05
CA GLU B 359 4.28 35.09 0.65
C GLU B 359 3.24 34.24 1.37
N ARG B 360 2.64 33.30 0.64
CA ARG B 360 1.62 32.43 1.21
C ARG B 360 2.24 31.42 2.21
N TYR B 361 3.48 31.01 1.96
CA TYR B 361 4.21 30.15 2.90
C TYR B 361 4.33 30.83 4.26
N GLU B 362 4.72 32.11 4.26
CA GLU B 362 4.83 32.86 5.51
C GLU B 362 3.47 33.13 6.16
N TRP B 363 2.48 33.49 5.35
CA TRP B 363 1.14 33.78 5.86
C TRP B 363 0.54 32.55 6.48
N ASN B 364 0.76 31.39 5.86
CA ASN B 364 0.31 30.12 6.41
C ASN B 364 0.88 29.85 7.80
N GLU B 365 2.16 30.19 7.99
CA GLU B 365 2.82 30.01 9.28
C GLU B 365 2.18 30.92 10.34
N VAL B 366 1.88 32.16 9.97
CA VAL B 366 1.14 33.07 10.84
C VAL B 366 -0.20 32.48 11.28
N LYS B 367 -0.88 31.80 10.37
CA LYS B 367 -2.23 31.29 10.62
C LYS B 367 -2.27 29.82 11.02
N ASN B 368 -1.09 29.21 11.23
CA ASN B 368 -0.98 27.79 11.58
C ASN B 368 -1.68 26.87 10.58
N VAL B 369 -1.54 27.18 9.30
CA VAL B 369 -2.07 26.36 8.23
C VAL B 369 -0.90 25.69 7.51
N LYS B 370 -1.04 24.41 7.21
CA LYS B 370 0.05 23.67 6.56
C LYS B 370 0.26 24.14 5.12
N SER B 371 1.52 24.44 4.79
CA SER B 371 1.90 24.70 3.40
C SER B 371 2.16 23.36 2.75
N ILE B 372 1.31 22.99 1.80
CA ILE B 372 1.42 21.69 1.13
C ILE B 372 2.67 21.61 0.25
N VAL B 373 3.20 22.76 -0.17
CA VAL B 373 4.51 22.81 -0.81
C VAL B 373 5.56 23.23 0.24
N PRO B 374 6.52 22.33 0.53
CA PRO B 374 7.57 22.65 1.50
C PRO B 374 8.61 23.55 0.83
N MET B 375 8.40 24.85 0.93
CA MET B 375 9.13 25.80 0.12
C MET B 375 10.64 25.90 0.41
N ILE B 376 11.05 25.64 1.65
CA ILE B 376 12.49 25.67 1.96
C ILE B 376 13.16 24.47 1.29
N HIS B 377 12.62 23.28 1.56
CA HIS B 377 13.04 22.04 0.89
C HIS B 377 13.11 22.19 -0.62
N VAL B 378 12.08 22.77 -1.21
CA VAL B 378 12.05 22.97 -2.67
C VAL B 378 13.10 23.97 -3.15
N SER B 379 13.28 25.07 -2.43
CA SER B 379 14.23 26.09 -2.84
C SER B 379 15.67 25.54 -2.86
N TRP B 380 16.02 24.70 -1.88
CA TRP B 380 17.33 24.07 -1.88
C TRP B 380 17.51 23.12 -3.04
N ASN B 381 16.49 22.34 -3.34
CA ASN B 381 16.54 21.38 -4.45
C ASN B 381 16.68 22.09 -5.79
N VAL B 382 15.88 23.13 -6.00
CA VAL B 382 15.99 23.97 -7.20
C VAL B 382 17.42 24.50 -7.33
N ALA B 383 17.94 25.06 -6.23
CA ALA B 383 19.27 25.67 -6.22
C ALA B 383 20.39 24.67 -6.52
N ARG B 384 20.17 23.42 -6.14
CA ARG B 384 21.16 22.36 -6.39
C ARG B 384 21.17 21.86 -7.84
N THR B 385 20.04 21.99 -8.55
CA THR B 385 19.87 21.31 -9.83
C THR B 385 19.42 22.16 -11.03
N VAL B 386 19.00 23.41 -10.80
CA VAL B 386 18.46 24.25 -11.87
C VAL B 386 19.24 25.55 -12.04
N LYS B 387 19.52 25.90 -13.29
CA LYS B 387 20.16 27.17 -13.61
C LYS B 387 19.09 28.26 -13.71
N ILE B 388 19.23 29.28 -12.87
CA ILE B 388 18.27 30.38 -12.82
C ILE B 388 18.91 31.63 -13.43
N SER B 389 18.31 32.14 -14.50
CA SER B 389 18.85 33.28 -15.25
C SER B 389 18.13 34.60 -15.00
N ASP B 390 16.97 34.57 -14.35
CA ASP B 390 16.26 35.80 -14.00
C ASP B 390 16.85 36.38 -12.71
N PRO B 391 17.40 37.62 -12.78
CA PRO B 391 18.00 38.20 -11.57
C PRO B 391 17.03 38.35 -10.40
N ASP B 392 15.80 38.76 -10.67
CA ASP B 392 14.79 38.91 -9.61
C ASP B 392 14.53 37.58 -8.90
N LEU B 393 14.33 36.51 -9.67
CA LEU B 393 14.06 35.18 -9.10
C LEU B 393 15.28 34.65 -8.35
N PHE B 394 16.45 34.78 -8.98
CA PHE B 394 17.69 34.34 -8.36
C PHE B 394 17.86 34.96 -6.97
N LYS B 395 17.67 36.27 -6.89
CA LYS B 395 17.90 36.97 -5.62
C LYS B 395 16.91 36.55 -4.53
N MET B 396 15.66 36.29 -4.92
CA MET B 396 14.65 35.78 -3.99
C MET B 396 15.00 34.41 -3.45
N ILE B 397 15.41 33.49 -4.33
CA ILE B 397 15.78 32.14 -3.91
C ILE B 397 17.03 32.19 -3.01
N LYS B 398 18.05 32.93 -3.46
CA LYS B 398 19.30 33.08 -2.70
C LYS B 398 19.04 33.60 -1.29
N PHE B 399 18.14 34.57 -1.15
CA PHE B 399 17.79 35.13 0.15
C PHE B 399 17.13 34.06 1.04
N CYS B 400 16.18 33.32 0.46
CA CYS B 400 15.51 32.24 1.19
C CYS B 400 16.52 31.23 1.73
N LEU B 401 17.49 30.86 0.89
CA LEU B 401 18.55 29.93 1.26
C LEU B 401 19.44 30.49 2.37
N LEU B 402 19.81 31.76 2.27
CA LEU B 402 20.65 32.42 3.28
C LEU B 402 19.94 32.44 4.64
N GLN B 403 18.69 32.88 4.65
CA GLN B 403 17.91 32.92 5.87
C GLN B 403 17.80 31.51 6.47
N SER B 404 17.58 30.52 5.62
CA SER B 404 17.51 29.11 6.03
C SER B 404 18.81 28.64 6.70
N MET B 405 19.95 28.96 6.09
CA MET B 405 21.26 28.62 6.67
C MET B 405 21.44 29.28 8.03
N LYS B 406 21.12 30.58 8.10
CA LYS B 406 21.23 31.33 9.34
C LYS B 406 20.36 30.76 10.45
N HIS B 407 19.15 30.33 10.10
CA HIS B 407 18.22 29.76 11.07
C HIS B 407 18.72 28.45 11.61
N CYS B 408 19.26 27.59 10.74
CA CYS B 408 19.88 26.35 11.19
C CYS B 408 21.07 26.62 12.11
N GLN B 409 21.87 27.64 11.79
CA GLN B 409 23.04 28.01 12.59
CA GLN B 409 23.04 27.95 12.60
C GLN B 409 22.63 28.45 13.99
N VAL B 410 21.58 29.27 14.08
CA VAL B 410 21.07 29.74 15.38
C VAL B 410 20.59 28.54 16.22
N GLN B 411 19.91 27.59 15.58
CA GLN B 411 19.46 26.38 16.27
C GLN B 411 20.63 25.55 16.79
N ARG B 412 21.61 25.28 15.92
CA ARG B 412 22.78 24.50 16.33
C ARG B 412 23.50 25.15 17.51
N GLU B 413 23.71 26.46 17.43
CA GLU B 413 24.43 27.17 18.47
C GLU B 413 23.69 27.09 19.81
N SER B 414 22.37 27.26 19.79
CA SER B 414 21.60 27.24 21.04
C SER B 414 21.55 25.83 21.64
N LEU B 415 21.45 24.81 20.79
CA LEU B 415 21.44 23.43 21.25
C LEU B 415 22.78 23.08 21.90
N VAL B 416 23.87 23.53 21.28
CA VAL B 416 25.19 23.26 21.81
C VAL B 416 25.42 24.02 23.11
N ARG B 417 24.97 25.27 23.21
CA ARG B 417 25.07 26.00 24.49
C ARG B 417 24.33 25.28 25.61
N ALA B 418 23.19 24.68 25.28
CA ALA B 418 22.37 23.93 26.24
C ALA B 418 22.96 22.56 26.59
N GLY B 419 23.95 22.10 25.83
CA GLY B 419 24.55 20.78 26.04
C GLY B 419 23.83 19.64 25.34
N LYS B 420 22.93 19.98 24.42
CA LYS B 420 22.17 18.96 23.68
C LYS B 420 22.97 18.46 22.49
N LYS B 421 22.99 17.16 22.29
CA LYS B 421 23.69 16.55 21.17
C LYS B 421 22.80 16.48 19.95
N ILE B 422 23.43 16.49 18.77
CA ILE B 422 22.77 16.40 17.48
C ILE B 422 23.38 15.25 16.71
N ALA B 423 22.55 14.34 16.22
CA ALA B 423 23.03 13.20 15.45
C ALA B 423 22.85 13.51 13.99
N TYR B 424 23.82 13.14 13.16
CA TYR B 424 23.68 13.30 11.72
C TYR B 424 22.82 12.18 11.15
N GLN B 425 21.73 12.56 10.48
CA GLN B 425 20.84 11.63 9.79
C GLN B 425 20.63 12.15 8.36
N GLY B 426 21.54 11.79 7.47
CA GLY B 426 21.50 12.25 6.10
C GLY B 426 20.22 11.90 5.35
N ARG B 427 19.98 12.60 4.26
CA ARG B 427 18.79 12.37 3.44
C ARG B 427 18.88 11.04 2.70
N VAL B 428 17.72 10.51 2.33
CA VAL B 428 17.61 9.26 1.56
C VAL B 428 16.72 9.53 0.35
N LYS B 429 16.86 8.70 -0.69
CA LYS B 429 16.08 8.87 -1.91
C LYS B 429 14.58 8.76 -1.66
N ASP B 430 13.82 9.71 -2.23
CA ASP B 430 12.36 9.76 -2.13
C ASP B 430 11.84 10.06 -0.71
N GLU B 431 12.72 10.53 0.18
CA GLU B 431 12.34 10.87 1.55
C GLU B 431 11.50 12.13 1.55
N PRO B 432 10.37 12.14 2.28
CA PRO B 432 9.54 13.34 2.28
C PRO B 432 10.19 14.49 3.05
N ALA B 433 9.62 15.69 2.91
CA ALA B 433 9.95 16.82 3.78
C ALA B 433 9.12 16.67 5.04
N TYR B 434 9.64 17.12 6.17
CA TYR B 434 8.97 16.92 7.46
C TYR B 434 8.25 18.17 7.95
N TYR B 435 7.17 17.96 8.68
CA TYR B 435 6.35 19.03 9.25
C TYR B 435 6.14 18.79 10.74
N CYS B 436 5.99 19.88 11.51
CA CYS B 436 5.72 19.75 12.95
C CYS B 436 4.36 19.10 13.22
N ASN B 437 4.36 18.12 14.11
CA ASN B 437 3.15 17.40 14.51
C ASN B 437 2.09 18.31 15.17
N GLU B 438 2.53 19.33 15.90
CA GLU B 438 1.63 20.20 16.65
C GLU B 438 1.12 21.39 15.84
N CYS B 439 2.00 22.04 15.11
CA CYS B 439 1.66 23.30 14.43
C CYS B 439 1.75 23.27 12.90
N ASP B 440 2.17 22.14 12.34
CA ASP B 440 2.18 21.93 10.88
C ASP B 440 3.19 22.75 10.07
N VAL B 441 4.09 23.48 10.74
CA VAL B 441 5.16 24.21 10.04
CA VAL B 441 5.15 24.21 10.05
C VAL B 441 6.14 23.22 9.42
N GLU B 442 6.72 23.59 8.29
CA GLU B 442 7.80 22.80 7.70
C GLU B 442 8.98 22.83 8.67
N VAL B 443 9.54 21.65 8.94
CA VAL B 443 10.74 21.53 9.78
C VAL B 443 11.90 21.10 8.89
N PHE B 444 12.74 22.06 8.52
CA PHE B 444 13.84 21.81 7.58
C PHE B 444 15.14 21.52 8.31
N ASN B 445 15.77 20.41 7.93
CA ASN B 445 17.13 20.04 8.35
C ASN B 445 17.24 19.58 9.81
N ILE B 446 17.11 20.52 10.75
CA ILE B 446 17.20 20.22 12.18
C ILE B 446 15.83 19.70 12.66
N LEU B 447 15.77 18.39 12.92
CA LEU B 447 14.54 17.71 13.29
C LEU B 447 14.54 17.35 14.76
N PHE B 448 13.44 17.70 15.45
CA PHE B 448 13.26 17.35 16.85
C PHE B 448 12.31 16.17 16.92
N VAL B 449 12.83 15.01 17.34
CA VAL B 449 12.11 13.74 17.15
C VAL B 449 11.79 13.04 18.47
N THR B 450 10.55 12.57 18.58
CA THR B 450 10.10 11.77 19.73
C THR B 450 9.50 10.45 19.25
N SER B 451 9.38 9.50 20.18
CA SER B 451 8.83 8.18 19.88
C SER B 451 7.48 8.02 20.59
N THR B 458 6.00 4.62 17.04
CA THR B 458 6.15 5.49 15.88
C THR B 458 6.88 6.78 16.26
N TYR B 459 7.59 7.36 15.29
CA TYR B 459 8.34 8.59 15.50
C TYR B 459 7.57 9.81 14.98
N LEU B 460 7.63 10.91 15.74
CA LEU B 460 6.99 12.17 15.35
C LEU B 460 8.04 13.27 15.29
N VAL B 461 7.91 14.18 14.34
CA VAL B 461 8.80 15.32 14.18
C VAL B 461 8.13 16.57 14.73
N HIS B 462 8.90 17.39 15.42
CA HIS B 462 8.43 18.66 15.97
C HIS B 462 9.34 19.76 15.53
N CYS B 463 8.82 20.99 15.49
CA CYS B 463 9.68 22.15 15.33
C CYS B 463 10.36 22.47 16.65
N GLU B 464 11.35 23.37 16.61
CA GLU B 464 12.09 23.79 17.81
C GLU B 464 11.15 24.29 18.90
N GLY B 465 10.29 25.24 18.54
CA GLY B 465 9.39 25.88 19.51
C GLY B 465 8.49 24.89 20.24
N CYS B 466 7.86 24.01 19.47
CA CYS B 466 6.98 22.99 20.03
C CYS B 466 7.73 21.95 20.88
N ALA B 467 8.92 21.55 20.44
CA ALA B 467 9.76 20.65 21.24
C ALA B 467 10.14 21.29 22.59
N ARG B 468 10.54 22.56 22.55
CA ARG B 468 10.93 23.28 23.77
C ARG B 468 9.73 23.49 24.70
N ARG B 469 8.53 23.52 24.13
CA ARG B 469 7.28 23.69 24.90
C ARG B 469 6.85 22.46 25.67
N ARG B 470 7.42 21.30 25.32
CA ARG B 470 7.09 20.06 26.00
C ARG B 470 7.28 20.24 27.51
N SER B 471 6.46 19.56 28.30
CA SER B 471 6.54 19.67 29.75
C SER B 471 7.91 19.25 30.28
N ALA B 472 8.56 18.30 29.60
CA ALA B 472 9.91 17.85 29.96
C ALA B 472 11.00 18.48 29.08
N GLY B 473 10.71 19.63 28.47
CA GLY B 473 11.67 20.27 27.56
C GLY B 473 12.16 19.31 26.50
N LEU B 474 13.47 19.30 26.26
CA LEU B 474 14.04 18.40 25.25
C LEU B 474 14.45 17.03 25.81
N GLN B 475 14.08 16.73 27.05
CA GLN B 475 14.32 15.41 27.62
C GLN B 475 13.47 14.38 26.86
N GLY B 476 14.13 13.34 26.35
CA GLY B 476 13.46 12.34 25.53
C GLY B 476 13.27 12.75 24.08
N VAL B 477 13.74 13.96 23.72
CA VAL B 477 13.75 14.40 22.33
C VAL B 477 15.14 14.14 21.74
N VAL B 478 15.18 13.48 20.59
CA VAL B 478 16.42 13.28 19.86
CA VAL B 478 16.41 13.27 19.83
C VAL B 478 16.47 14.29 18.71
N VAL B 479 17.58 15.03 18.64
CA VAL B 479 17.75 16.05 17.60
C VAL B 479 18.61 15.49 16.47
N LEU B 480 18.06 15.57 15.26
CA LEU B 480 18.72 15.05 14.07
C LEU B 480 19.09 16.20 13.14
N GLU B 481 20.17 16.02 12.39
CA GLU B 481 20.60 16.97 11.39
C GLU B 481 20.64 16.22 10.06
N GLN B 482 19.95 16.75 9.05
CA GLN B 482 19.92 16.10 7.74
C GLN B 482 20.94 16.67 6.77
N TYR B 483 21.36 17.91 6.99
CA TYR B 483 22.38 18.58 6.16
C TYR B 483 23.40 19.28 7.05
N ARG B 484 24.66 18.86 7.01
CA ARG B 484 25.70 19.56 7.78
C ARG B 484 25.84 20.98 7.24
N THR B 485 26.34 21.88 8.08
CA THR B 485 26.60 23.26 7.67
C THR B 485 27.33 23.34 6.32
N GLU B 486 28.35 22.51 6.16
CA GLU B 486 29.18 22.52 4.96
C GLU B 486 28.40 22.10 3.71
N GLU B 487 27.44 21.19 3.87
CA GLU B 487 26.59 20.78 2.75
C GLU B 487 25.78 21.95 2.21
N LEU B 488 25.19 22.72 3.13
CA LEU B 488 24.42 23.90 2.76
C LEU B 488 25.31 25.03 2.23
N ALA B 489 26.44 25.27 2.90
CA ALA B 489 27.35 26.34 2.46
C ALA B 489 27.88 26.07 1.05
N GLN B 490 28.22 24.82 0.76
CA GLN B 490 28.73 24.47 -0.56
C GLN B 490 27.66 24.56 -1.65
N ALA B 491 26.44 24.13 -1.33
CA ALA B 491 25.33 24.26 -2.28
C ALA B 491 25.00 25.73 -2.52
N TYR B 492 25.05 26.54 -1.47
CA TYR B 492 24.76 27.97 -1.55
C TYR B 492 25.76 28.69 -2.44
N ASP B 493 27.05 28.45 -2.19
CA ASP B 493 28.13 29.05 -2.97
C ASP B 493 28.11 28.59 -4.44
N ALA B 494 27.67 27.37 -4.69
CA ALA B 494 27.54 26.86 -6.05
C ALA B 494 26.32 27.44 -6.80
N PHE B 495 25.37 28.01 -6.05
CA PHE B 495 24.16 28.57 -6.65
C PHE B 495 24.47 29.96 -7.20
N THR B 496 24.62 30.03 -8.52
CA THR B 496 25.11 31.24 -9.20
C THR B 496 24.15 31.70 -10.30
N LEU B 497 23.99 33.01 -10.45
CA LEU B 497 23.12 33.58 -11.49
C LEU B 497 23.64 33.24 -12.89
N ALA B 498 22.83 32.55 -13.67
CA ALA B 498 23.19 32.18 -15.04
C ALA B 498 22.94 33.37 -16.00
N PRO B 499 23.50 33.30 -17.22
CA PRO B 499 23.30 34.38 -18.19
C PRO B 499 21.92 34.35 -18.86
ZN ZN C . -7.14 -27.25 -14.90
O2 K0I D . 12.05 -27.97 11.53
C1 K0I D . 11.05 -27.36 11.89
O1 K0I D . 10.74 -27.13 13.16
C2 K0I D . 10.04 -26.81 10.91
C3 K0I D . 9.69 -27.78 9.79
N1 K0I D . 8.99 -27.13 8.69
C4 K0I D . 8.58 -27.81 7.61
N3 K0I D . 7.85 -27.13 6.71
C7 K0I D . 7.45 -27.80 5.61
C8 K0I D . 6.63 -27.06 4.61
N4 K0I D . 6.39 -25.76 4.88
C12 K0I D . 5.65 -25.08 4.00
C11 K0I D . 5.11 -25.64 2.84
C10 K0I D . 5.36 -26.97 2.59
C9 K0I D . 6.13 -27.71 3.48
N2 K0I D . 7.71 -29.09 5.34
C6 K0I D . 8.42 -29.76 6.26
C5 K0I D . 8.89 -29.14 7.41
N5 K0I D . 8.73 -31.07 5.95
C22 K0I D . 9.51 -31.94 6.83
C21 K0I D . 10.96 -31.58 6.51
C20 K0I D . 11.51 -32.25 5.26
C15 K0I D . 10.90 -32.12 4.01
C14 K0I D . 9.66 -31.28 3.77
C13 K0I D . 8.44 -31.61 4.62
C19 K0I D . 12.67 -33.02 5.40
C18 K0I D . 13.23 -33.65 4.30
C17 K0I D . 12.64 -33.52 3.05
C16 K0I D . 11.48 -32.76 2.90
CO CO E . 7.54 -24.93 6.47
ZN ZN F . 5.56 23.22 15.89
O2 K0I G . -14.00 21.73 -10.24
C1 K0I G . -12.88 21.60 -10.69
O1 K0I G . -12.63 21.14 -11.91
C2 K0I G . -11.64 21.95 -9.89
C3 K0I G . -11.62 21.31 -8.51
N1 K0I G . -10.57 21.84 -7.66
C4 K0I G . -10.45 21.52 -6.36
N3 K0I G . -9.40 22.04 -5.70
C7 K0I G . -9.27 21.71 -4.40
C8 K0I G . -8.10 22.28 -3.68
N4 K0I G . -7.30 23.10 -4.37
C12 K0I G . -6.24 23.63 -3.75
C11 K0I G . -5.95 23.38 -2.42
C10 K0I G . -6.78 22.55 -1.70
C9 K0I G . -7.87 21.97 -2.33
N2 K0I G . -10.12 20.93 -3.70
C6 K0I G . -11.15 20.43 -4.36
C5 K0I G . -11.37 20.72 -5.70
N5 K0I G . -12.04 19.66 -3.63
C22 K0I G . -13.23 19.05 -4.21
C21 K0I G . -14.27 20.18 -4.18
C20 K0I G . -14.91 20.39 -2.81
C15 K0I G . -14.17 20.67 -1.65
C14 K0I G . -12.66 20.79 -1.65
C13 K0I G . -11.91 19.57 -2.19
C19 K0I G . -16.31 20.32 -2.73
C18 K0I G . -16.96 20.52 -1.52
C17 K0I G . -16.23 20.80 -0.37
C16 K0I G . -14.84 20.87 -0.44
CO CO H . -8.04 23.73 -6.25
#